data_5LLO
#
_entry.id   5LLO
#
_cell.length_a   77.291
_cell.length_b   74.111
_cell.length_c   91.585
_cell.angle_alpha   90.000
_cell.angle_beta   108.950
_cell.angle_gamma   90.000
#
_symmetry.space_group_name_H-M   'P 1 21 1'
#
loop_
_entity.id
_entity.type
_entity.pdbx_description
1 polymer 'Carbonic anhydrase 12'
2 non-polymer 'ZINC ION'
3 non-polymer 1,2-ETHANEDIOL
4 non-polymer 3-[(1S)-2,3-dihydro-1H-inden-1-ylamino]-2,5,6-trifluoro-4-[(2-hydroxyethyl)sulfonyl]benzenesulfonamide
5 water water
#
_entity_poly.entity_id   1
_entity_poly.type   'polypeptide(L)'
_entity_poly.pdbx_seq_one_letter_code
;MSKWTYFGPDGENSWSKKYPSCGGLLQSPIDLHSDILQYDASLTPLEFQGYNLSANKQFLLTNNGHSVKLNLPSDMHIQG
LQSRYSATQLHLHWGNPNDPHGSEHTVSGQHFAAELHIVHYNSDLYPDASTASNKSEGLAVLAVLIEMGSFNPSYDKIFS
HLQHVKYKGQEAFVPGFNIEELLPERTAEYYRYRGSLTTPPCNPTVLWTVFRNPVQISQEQLLALETALYCTHMDDPSPR
EMINNFRQVQKFDERLVYTSFSQ
;
_entity_poly.pdbx_strand_id   A,B,C,D
#
loop_
_chem_comp.id
_chem_comp.type
_chem_comp.name
_chem_comp.formula
5EF non-polymer 3-[(1S)-2,3-dihydro-1H-inden-1-ylamino]-2,5,6-trifluoro-4-[(2-hydroxyethyl)sulfonyl]benzenesulfonamide 'C17 H17 F3 N2 O5 S2'
EDO non-polymer 1,2-ETHANEDIOL 'C2 H6 O2'
ZN non-polymer 'ZINC ION' 'Zn 2'
#
# COMPACT_ATOMS: atom_id res chain seq x y z
N LYS A 3 6.93 16.05 31.02
CA LYS A 3 8.02 15.26 30.39
C LYS A 3 7.61 13.79 30.38
N TRP A 4 7.92 13.13 29.29
CA TRP A 4 7.26 11.89 28.99
C TRP A 4 7.72 10.73 29.88
N THR A 5 6.79 9.82 30.09
CA THR A 5 7.00 8.64 30.91
C THR A 5 6.26 7.51 30.24
N TYR A 6 6.30 6.33 30.91
CA TYR A 6 5.61 5.11 30.52
C TYR A 6 4.36 4.80 31.40
N PHE A 7 4.00 5.68 32.35
CA PHE A 7 2.96 5.37 33.36
C PHE A 7 2.33 6.67 33.80
N GLY A 8 1.01 6.82 33.70
CA GLY A 8 0.34 7.94 34.43
C GLY A 8 -0.07 8.87 33.31
N PRO A 9 -0.24 10.16 33.61
CA PRO A 9 -0.82 11.11 32.66
C PRO A 9 0.17 11.53 31.60
N ASP A 10 1.44 11.16 31.80
CA ASP A 10 2.43 11.52 30.85
C ASP A 10 2.89 10.34 29.98
N GLY A 11 2.07 9.26 30.04
CA GLY A 11 2.43 7.94 29.39
C GLY A 11 2.11 7.96 27.91
N GLU A 12 2.25 6.77 27.30
CA GLU A 12 2.29 6.65 25.87
C GLU A 12 1.12 7.27 25.10
N ASN A 13 -0.09 7.24 25.69
CA ASN A 13 -1.18 7.72 24.92
C ASN A 13 -1.17 9.26 24.83
N SER A 14 -0.34 9.92 25.63
N SER A 14 -0.37 9.91 25.68
CA SER A 14 -0.24 11.37 25.56
CA SER A 14 -0.17 11.39 25.68
C SER A 14 1.05 11.87 24.91
C SER A 14 0.97 11.86 24.77
N TRP A 15 1.86 10.95 24.39
CA TRP A 15 3.10 11.38 23.68
C TRP A 15 2.83 12.27 22.48
N SER A 16 1.74 12.07 21.79
CA SER A 16 1.49 12.73 20.55
C SER A 16 1.18 14.21 20.78
N LYS A 17 0.90 14.57 22.02
CA LYS A 17 0.64 16.06 22.26
C LYS A 17 1.89 16.79 21.95
N LYS A 18 3.01 16.37 22.55
CA LYS A 18 4.27 17.12 22.37
C LYS A 18 5.05 16.65 21.15
N TYR A 19 4.84 15.37 20.77
CA TYR A 19 5.62 14.75 19.76
C TYR A 19 4.65 14.20 18.72
N PRO A 20 4.32 14.97 17.71
CA PRO A 20 3.24 14.61 16.81
C PRO A 20 3.49 13.34 16.01
N SER A 21 4.76 12.94 15.73
CA SER A 21 4.95 11.72 15.01
C SER A 21 4.48 10.53 15.78
N CYS A 22 4.35 10.65 17.11
CA CYS A 22 3.84 9.43 17.89
C CYS A 22 2.41 9.05 17.55
N GLY A 23 1.67 10.02 17.00
CA GLY A 23 0.34 9.78 16.38
C GLY A 23 0.29 9.67 14.88
N GLY A 24 1.45 9.65 14.21
CA GLY A 24 1.42 9.51 12.74
C GLY A 24 1.70 8.12 12.23
N LEU A 25 2.26 8.04 11.00
CA LEU A 25 2.38 6.77 10.29
C LEU A 25 3.59 5.97 10.73
N LEU A 26 3.54 4.67 10.40
CA LEU A 26 4.71 3.75 10.44
C LEU A 26 5.20 3.57 11.88
N GLN A 27 4.30 3.65 12.82
CA GLN A 27 4.66 3.47 14.24
C GLN A 27 5.05 2.02 14.62
N SER A 28 6.03 1.97 15.53
CA SER A 28 6.58 0.69 16.08
C SER A 28 6.38 0.74 17.61
N PRO A 29 6.42 -0.40 18.31
CA PRO A 29 6.67 -1.77 17.83
C PRO A 29 5.37 -2.45 17.31
N ILE A 30 5.42 -3.67 16.82
CA ILE A 30 4.28 -4.32 16.24
C ILE A 30 4.41 -5.83 16.61
N ASP A 31 3.26 -6.49 16.53
CA ASP A 31 3.25 -7.93 16.68
C ASP A 31 3.66 -8.55 15.38
N LEU A 32 4.62 -9.51 15.46
CA LEU A 32 5.12 -10.22 14.34
C LEU A 32 4.36 -11.57 14.32
N HIS A 33 3.40 -11.68 13.43
CA HIS A 33 2.67 -12.92 13.43
C HIS A 33 2.50 -13.42 12.04
N SER A 34 2.10 -14.69 11.88
CA SER A 34 2.33 -15.39 10.64
C SER A 34 1.57 -14.78 9.50
N ASP A 35 0.39 -14.21 9.78
CA ASP A 35 -0.48 -13.72 8.72
C ASP A 35 0.20 -12.63 7.94
N ILE A 36 1.12 -11.89 8.58
CA ILE A 36 1.72 -10.69 7.96
C ILE A 36 3.17 -10.91 7.54
N LEU A 37 3.63 -12.14 7.69
CA LEU A 37 5.03 -12.47 7.36
C LEU A 37 5.21 -12.88 5.89
N GLN A 38 6.25 -12.36 5.25
CA GLN A 38 6.51 -12.80 3.86
C GLN A 38 7.98 -13.02 3.62
N TYR A 39 8.34 -14.22 3.15
CA TYR A 39 9.74 -14.50 2.85
C TYR A 39 10.25 -13.55 1.74
N ASP A 40 11.47 -13.05 1.87
CA ASP A 40 12.04 -12.17 0.87
C ASP A 40 13.46 -12.68 0.70
N ALA A 41 13.74 -13.36 -0.44
CA ALA A 41 15.10 -13.85 -0.70
C ALA A 41 16.12 -12.72 -0.80
N SER A 42 15.67 -11.47 -0.91
CA SER A 42 16.63 -10.36 -1.01
C SER A 42 17.33 -10.06 0.30
N LEU A 43 16.78 -10.55 1.40
CA LEU A 43 17.29 -10.24 2.74
C LEU A 43 18.48 -11.13 3.12
N THR A 44 19.71 -10.73 2.74
CA THR A 44 20.89 -11.50 2.98
C THR A 44 21.50 -11.12 4.35
N PRO A 45 22.51 -11.91 4.83
CA PRO A 45 23.06 -11.61 6.16
C PRO A 45 23.77 -10.29 6.31
N LEU A 46 23.55 -9.61 7.43
CA LEU A 46 24.25 -8.37 7.78
C LEU A 46 25.63 -8.78 8.25
N GLU A 47 26.59 -7.88 8.08
CA GLU A 47 27.89 -8.04 8.61
C GLU A 47 28.10 -7.01 9.67
N PHE A 48 28.57 -7.44 10.82
CA PHE A 48 28.81 -6.54 11.96
C PHE A 48 30.29 -6.21 12.05
N GLN A 49 30.61 -4.98 11.74
CA GLN A 49 32.01 -4.52 11.57
C GLN A 49 32.33 -3.57 12.68
N GLY A 50 33.52 -3.71 13.27
CA GLY A 50 33.88 -2.85 14.35
C GLY A 50 33.12 -3.07 15.70
N TYR A 51 32.44 -4.21 15.80
CA TYR A 51 31.69 -4.62 17.01
C TYR A 51 32.59 -5.09 18.15
N ASN A 52 33.82 -5.52 17.78
CA ASN A 52 34.77 -5.96 18.81
C ASN A 52 35.51 -4.78 19.41
N LEU A 53 34.89 -4.12 20.36
CA LEU A 53 35.37 -2.83 20.88
C LEU A 53 36.65 -3.04 21.67
N SER A 54 37.60 -2.16 21.36
CA SER A 54 38.86 -2.14 22.08
C SER A 54 38.65 -2.29 23.60
N ALA A 55 39.20 -3.35 24.19
CA ALA A 55 39.20 -3.42 25.65
C ALA A 55 40.08 -2.34 26.32
N ASN A 56 40.85 -1.61 25.51
CA ASN A 56 41.58 -0.41 26.04
C ASN A 56 40.82 0.94 25.91
N LYS A 57 39.57 0.89 25.43
CA LYS A 57 38.72 2.07 25.36
C LYS A 57 37.59 1.93 26.36
N GLN A 58 37.06 3.06 26.85
CA GLN A 58 35.86 3.03 27.72
C GLN A 58 34.66 3.67 27.08
N PHE A 59 33.45 3.09 27.32
CA PHE A 59 32.24 3.61 26.70
C PHE A 59 31.27 4.01 27.76
N LEU A 60 30.68 5.20 27.61
CA LEU A 60 29.82 5.81 28.62
C LEU A 60 28.45 5.12 28.75
N LEU A 61 28.11 4.70 29.95
CA LEU A 61 26.80 4.14 30.25
C LEU A 61 26.06 5.25 31.00
N THR A 62 24.84 5.61 30.60
CA THR A 62 24.08 6.63 31.30
C THR A 62 22.65 6.17 31.58
N ASN A 63 22.10 6.63 32.70
CA ASN A 63 20.67 6.52 32.98
C ASN A 63 20.04 7.88 32.66
N ASN A 64 19.16 7.93 31.63
CA ASN A 64 18.62 9.21 31.21
C ASN A 64 17.21 9.51 31.74
N GLY A 65 16.77 8.68 32.68
CA GLY A 65 15.42 8.72 33.20
C GLY A 65 14.39 7.89 32.46
N HIS A 66 14.75 7.33 31.27
CA HIS A 66 13.88 6.50 30.40
C HIS A 66 14.37 5.07 30.14
N SER A 67 15.68 4.94 29.96
N SER A 67 15.68 4.89 29.97
CA SER A 67 16.32 3.64 29.80
CA SER A 67 16.28 3.54 29.91
C SER A 67 17.78 3.82 30.19
C SER A 67 17.71 3.72 30.39
N VAL A 68 18.53 2.72 30.17
CA VAL A 68 19.97 2.79 30.46
C VAL A 68 20.58 2.63 29.04
N LYS A 69 21.50 3.53 28.70
CA LYS A 69 22.07 3.46 27.37
C LYS A 69 23.59 3.43 27.46
N LEU A 70 24.17 2.65 26.55
CA LEU A 70 25.64 2.65 26.40
C LEU A 70 25.99 3.32 25.09
N ASN A 71 26.89 4.32 25.15
N ASN A 71 26.86 4.36 25.12
CA ASN A 71 27.35 4.96 23.93
CA ASN A 71 27.26 5.03 23.86
C ASN A 71 28.26 4.03 23.12
C ASN A 71 28.24 4.13 23.13
N LEU A 72 28.15 4.11 21.79
CA LEU A 72 28.93 3.22 20.95
C LEU A 72 29.69 4.11 19.96
N PRO A 73 30.83 3.62 19.47
CA PRO A 73 31.60 4.48 18.54
C PRO A 73 31.18 4.42 17.07
N SER A 74 31.42 5.53 16.36
CA SER A 74 30.98 5.64 14.97
C SER A 74 31.77 4.72 14.02
N ASP A 75 32.93 4.17 14.42
CA ASP A 75 33.50 3.10 13.55
C ASP A 75 32.86 1.77 13.60
N MET A 76 31.95 1.56 14.58
CA MET A 76 31.14 0.32 14.65
C MET A 76 30.03 0.44 13.65
N HIS A 77 29.84 -0.53 12.78
CA HIS A 77 28.78 -0.37 11.73
C HIS A 77 28.22 -1.61 11.17
N ILE A 78 27.05 -1.48 10.54
N ILE A 78 27.07 -1.44 10.49
CA ILE A 78 26.46 -2.59 9.86
CA ILE A 78 26.42 -2.52 9.79
C ILE A 78 26.83 -2.45 8.40
C ILE A 78 26.73 -2.46 8.32
N GLN A 79 27.24 -3.56 7.76
CA GLN A 79 27.31 -3.53 6.32
C GLN A 79 26.34 -4.60 5.78
N GLY A 80 25.76 -4.31 4.63
CA GLY A 80 24.72 -5.18 4.06
C GLY A 80 23.50 -4.33 3.64
N LEU A 81 23.35 -3.15 4.21
CA LEU A 81 22.23 -2.29 3.87
C LEU A 81 22.64 -1.40 2.69
N GLN A 82 21.70 -0.63 2.12
CA GLN A 82 22.06 0.13 0.89
C GLN A 82 23.12 1.17 1.27
N SER A 83 23.01 1.70 2.48
CA SER A 83 24.00 2.66 2.95
C SER A 83 24.72 2.06 4.14
N ARG A 84 25.91 2.55 4.49
CA ARG A 84 26.47 2.18 5.79
C ARG A 84 25.71 2.78 6.90
N TYR A 85 25.35 1.95 7.92
CA TYR A 85 24.78 2.46 9.15
C TYR A 85 25.68 2.27 10.37
N SER A 86 26.07 3.42 10.95
CA SER A 86 27.06 3.43 12.05
C SER A 86 26.38 3.43 13.42
N ALA A 87 26.96 2.69 14.37
CA ALA A 87 26.37 2.60 15.69
C ALA A 87 26.39 3.95 16.41
N THR A 88 25.38 4.21 17.21
CA THR A 88 25.37 5.35 18.13
C THR A 88 25.17 4.96 19.59
N GLN A 89 24.28 3.99 19.87
CA GLN A 89 24.08 3.60 21.30
C GLN A 89 23.30 2.29 21.28
N LEU A 90 23.29 1.61 22.44
CA LEU A 90 22.37 0.50 22.66
C LEU A 90 21.65 0.73 24.00
N HIS A 91 20.52 0.02 24.17
CA HIS A 91 19.70 0.14 25.39
C HIS A 91 18.77 -1.05 25.40
N LEU A 92 18.01 -1.15 26.51
CA LEU A 92 17.10 -2.26 26.73
C LEU A 92 15.74 -1.78 27.17
N HIS A 93 14.78 -2.70 27.05
CA HIS A 93 13.36 -2.46 27.53
C HIS A 93 12.97 -3.64 28.27
N TRP A 94 12.15 -3.47 29.30
CA TRP A 94 11.84 -4.68 30.16
C TRP A 94 10.53 -4.43 30.90
N GLY A 95 10.08 -5.45 31.64
CA GLY A 95 8.79 -5.25 32.36
C GLY A 95 9.05 -5.04 33.83
N ASN A 96 8.54 -5.98 34.64
CA ASN A 96 8.67 -5.85 36.14
C ASN A 96 8.56 -7.22 36.79
N PRO A 97 9.03 -7.39 38.05
CA PRO A 97 9.11 -8.79 38.49
C PRO A 97 7.72 -9.45 38.65
N ASN A 98 6.64 -8.70 38.81
CA ASN A 98 5.31 -9.31 38.88
C ASN A 98 4.76 -9.63 37.49
N ASP A 99 5.31 -9.02 36.42
CA ASP A 99 4.86 -9.39 35.07
C ASP A 99 6.08 -9.23 34.15
N PRO A 100 6.94 -10.25 34.13
CA PRO A 100 8.32 -10.06 33.61
C PRO A 100 8.36 -10.30 32.12
N HIS A 101 7.63 -9.48 31.39
CA HIS A 101 7.42 -9.76 29.92
C HIS A 101 7.34 -8.48 29.25
N GLY A 102 8.49 -7.82 29.07
CA GLY A 102 8.50 -6.40 28.73
C GLY A 102 9.26 -6.16 27.41
N SER A 103 9.33 -7.15 26.51
CA SER A 103 9.81 -6.81 25.14
C SER A 103 8.85 -5.81 24.50
N GLU A 104 9.33 -5.11 23.46
CA GLU A 104 8.52 -4.19 22.67
C GLU A 104 7.81 -4.95 21.56
N HIS A 105 8.56 -5.57 20.69
CA HIS A 105 7.96 -6.55 19.73
C HIS A 105 7.45 -7.80 20.39
N THR A 106 6.36 -8.27 19.84
CA THR A 106 5.83 -9.59 20.21
C THR A 106 5.83 -10.46 19.02
N VAL A 107 5.75 -11.78 19.31
CA VAL A 107 5.80 -12.86 18.26
C VAL A 107 4.55 -13.72 18.49
N SER A 108 3.67 -13.72 17.49
CA SER A 108 2.35 -14.36 17.60
C SER A 108 1.65 -13.97 18.91
N GLY A 109 1.74 -12.67 19.23
CA GLY A 109 1.05 -12.02 20.35
C GLY A 109 1.76 -12.17 21.68
N GLN A 110 2.90 -12.89 21.72
CA GLN A 110 3.63 -13.15 22.95
C GLN A 110 4.83 -12.24 23.16
N HIS A 111 4.89 -11.66 24.35
CA HIS A 111 6.04 -10.86 24.80
C HIS A 111 7.13 -11.76 25.22
N PHE A 112 8.34 -11.33 24.89
CA PHE A 112 9.57 -11.85 25.51
C PHE A 112 9.83 -11.12 26.84
N ALA A 113 10.78 -11.62 27.61
CA ALA A 113 11.14 -11.02 28.89
C ALA A 113 11.60 -9.62 28.73
N ALA A 114 12.45 -9.41 27.71
CA ALA A 114 13.07 -8.06 27.53
C ALA A 114 13.55 -7.96 26.11
N GLU A 115 14.11 -6.79 25.75
CA GLU A 115 14.53 -6.59 24.35
C GLU A 115 15.67 -5.58 24.36
N LEU A 116 16.72 -5.95 23.58
N LEU A 116 16.76 -5.92 23.65
CA LEU A 116 17.96 -5.16 23.34
CA LEU A 116 17.87 -5.00 23.54
C LEU A 116 17.87 -4.49 22.00
C LEU A 116 17.89 -4.49 22.11
N HIS A 117 18.16 -3.17 22.00
CA HIS A 117 18.18 -2.41 20.69
C HIS A 117 19.51 -1.75 20.53
N ILE A 118 20.09 -1.93 19.33
CA ILE A 118 21.41 -1.33 19.00
C ILE A 118 21.04 -0.33 17.92
N VAL A 119 21.10 0.95 18.25
CA VAL A 119 20.67 1.95 17.26
C VAL A 119 21.84 2.35 16.41
N HIS A 120 21.57 2.49 15.12
CA HIS A 120 22.59 2.94 14.03
C HIS A 120 21.99 4.07 13.25
N TYR A 121 22.86 4.86 12.63
CA TYR A 121 22.39 5.95 11.76
C TYR A 121 23.08 5.94 10.44
N ASN A 122 22.42 6.55 9.44
CA ASN A 122 22.96 6.53 8.07
C ASN A 122 24.11 7.54 8.02
N SER A 123 25.34 7.02 8.09
CA SER A 123 26.49 7.89 8.19
C SER A 123 26.99 8.25 6.78
N ASP A 124 26.53 7.51 5.76
CA ASP A 124 26.84 7.87 4.33
C ASP A 124 26.16 9.17 3.98
N LEU A 125 24.95 9.36 4.50
CA LEU A 125 24.12 10.55 4.19
C LEU A 125 24.10 11.68 5.19
N TYR A 126 24.29 11.39 6.51
CA TYR A 126 24.21 12.36 7.64
C TYR A 126 25.41 12.36 8.65
N PRO A 127 25.71 13.52 9.28
CA PRO A 127 26.92 13.59 10.07
C PRO A 127 26.84 12.95 11.44
N ASP A 128 25.63 12.69 11.94
CA ASP A 128 25.46 12.19 13.31
C ASP A 128 24.02 11.71 13.44
N ALA A 129 23.75 10.87 14.44
CA ALA A 129 22.45 10.23 14.54
C ALA A 129 21.36 11.25 14.82
N SER A 130 21.67 12.28 15.59
CA SER A 130 20.67 13.35 15.90
C SER A 130 20.12 13.95 14.58
N THR A 131 21.01 14.39 13.69
CA THR A 131 20.60 14.92 12.41
C THR A 131 19.90 13.84 11.57
N ALA A 132 20.35 12.59 11.62
CA ALA A 132 19.68 11.62 10.76
C ALA A 132 18.24 11.27 11.18
N SER A 133 18.00 11.40 12.45
CA SER A 133 16.84 10.75 13.11
C SER A 133 15.49 11.21 12.55
N ASN A 134 15.44 12.41 11.99
CA ASN A 134 14.21 12.89 11.35
C ASN A 134 14.26 12.94 9.82
N LYS A 135 15.19 12.18 9.23
CA LYS A 135 15.35 12.13 7.84
C LYS A 135 15.09 10.84 7.22
N SER A 136 14.80 10.93 5.93
CA SER A 136 14.54 9.79 5.14
C SER A 136 15.70 8.77 5.24
N GLU A 137 15.36 7.51 5.48
CA GLU A 137 16.40 6.47 5.61
C GLU A 137 17.39 6.71 6.75
N GLY A 138 17.02 7.48 7.79
CA GLY A 138 18.01 8.00 8.71
C GLY A 138 18.58 6.95 9.67
N LEU A 139 17.72 6.02 10.13
CA LEU A 139 18.15 5.11 11.22
C LEU A 139 17.90 3.63 10.91
N ALA A 140 18.68 2.84 11.59
CA ALA A 140 18.48 1.40 11.52
C ALA A 140 18.65 0.85 12.90
N VAL A 141 17.72 0.02 13.41
CA VAL A 141 17.94 -0.50 14.74
C VAL A 141 17.93 -2.03 14.70
N LEU A 142 18.87 -2.66 15.39
CA LEU A 142 18.85 -4.08 15.51
C LEU A 142 18.13 -4.37 16.83
N ALA A 143 17.26 -5.40 16.81
CA ALA A 143 16.56 -5.78 18.07
C ALA A 143 16.79 -7.27 18.33
N VAL A 144 17.16 -7.49 19.62
CA VAL A 144 17.42 -8.86 20.09
C VAL A 144 16.35 -9.14 21.19
N LEU A 145 15.58 -10.22 20.95
CA LEU A 145 14.59 -10.69 21.99
C LEU A 145 15.30 -11.44 23.09
N ILE A 146 14.87 -11.27 24.34
CA ILE A 146 15.57 -11.81 25.51
C ILE A 146 14.57 -12.65 26.30
N GLU A 147 14.92 -13.90 26.57
CA GLU A 147 14.10 -14.82 27.43
C GLU A 147 14.90 -15.26 28.63
N MET A 148 14.24 -15.65 29.70
CA MET A 148 14.92 -16.23 30.81
C MET A 148 15.47 -17.71 30.52
N GLY A 149 16.73 -17.96 30.85
CA GLY A 149 17.33 -19.29 30.69
C GLY A 149 18.65 -19.31 31.44
N SER A 150 19.70 -19.71 30.73
N SER A 150 19.70 -19.76 30.77
CA SER A 150 21.04 -19.73 31.29
CA SER A 150 21.00 -19.85 31.40
C SER A 150 21.66 -18.38 31.53
C SER A 150 21.66 -18.47 31.52
N PHE A 151 22.47 -18.33 32.57
CA PHE A 151 23.31 -17.12 32.83
C PHE A 151 24.09 -16.70 31.56
N ASN A 152 24.05 -15.42 31.27
CA ASN A 152 24.77 -14.89 30.13
C ASN A 152 25.95 -13.98 30.50
N PRO A 153 27.20 -14.53 30.43
CA PRO A 153 28.42 -13.77 30.67
C PRO A 153 28.48 -12.47 29.88
N SER A 154 28.03 -12.52 28.64
CA SER A 154 28.26 -11.31 27.83
C SER A 154 27.33 -10.20 28.28
N TYR A 155 26.05 -10.55 28.49
CA TYR A 155 25.15 -9.49 29.00
C TYR A 155 25.60 -8.97 30.34
N ASP A 156 26.28 -9.81 31.09
CA ASP A 156 26.77 -9.34 32.39
C ASP A 156 27.88 -8.28 32.31
N LYS A 157 28.47 -8.14 31.12
CA LYS A 157 29.43 -7.08 30.89
C LYS A 157 28.78 -5.73 31.00
N ILE A 158 27.47 -5.68 30.72
CA ILE A 158 26.72 -4.41 30.93
C ILE A 158 26.09 -4.40 32.29
N PHE A 159 25.39 -5.47 32.60
CA PHE A 159 24.58 -5.51 33.81
C PHE A 159 25.40 -5.35 35.06
N SER A 160 26.65 -5.80 35.04
CA SER A 160 27.50 -5.58 36.27
C SER A 160 27.75 -4.10 36.63
N HIS A 161 27.47 -3.19 35.69
CA HIS A 161 27.59 -1.76 35.96
C HIS A 161 26.35 -1.05 36.33
N LEU A 162 25.21 -1.75 36.30
CA LEU A 162 23.95 -1.12 36.57
C LEU A 162 23.87 -0.42 37.94
N GLN A 163 24.50 -0.97 38.97
CA GLN A 163 24.31 -0.31 40.27
C GLN A 163 24.96 1.08 40.33
N HIS A 164 25.90 1.38 39.44
CA HIS A 164 26.50 2.72 39.31
C HIS A 164 25.70 3.72 38.54
N VAL A 165 24.62 3.28 37.85
CA VAL A 165 23.76 4.20 37.09
C VAL A 165 22.32 4.06 37.58
N LYS A 166 22.17 3.78 38.88
CA LYS A 166 20.84 3.64 39.52
C LYS A 166 19.90 4.81 39.28
N TYR A 167 20.39 6.06 39.35
CA TYR A 167 19.46 7.21 39.26
C TYR A 167 19.67 8.03 38.02
N LYS A 168 18.65 8.80 37.66
CA LYS A 168 18.71 9.71 36.54
C LYS A 168 19.93 10.66 36.61
N GLY A 169 20.65 10.77 35.51
CA GLY A 169 21.82 11.59 35.45
C GLY A 169 23.11 10.91 35.85
N GLN A 170 23.04 9.72 36.42
CA GLN A 170 24.27 9.00 36.72
C GLN A 170 24.88 8.34 35.51
N GLU A 171 26.22 8.18 35.55
N GLU A 171 26.21 8.17 35.60
CA GLU A 171 26.99 7.66 34.42
CA GLU A 171 27.00 7.58 34.55
C GLU A 171 28.14 6.83 34.92
C GLU A 171 28.03 6.61 35.08
N ALA A 172 28.50 5.80 34.15
CA ALA A 172 29.59 4.90 34.47
C ALA A 172 30.37 4.64 33.17
N PHE A 173 31.55 4.06 33.32
CA PHE A 173 32.32 3.62 32.17
C PHE A 173 32.43 2.10 32.04
N VAL A 174 32.15 1.62 30.83
CA VAL A 174 32.24 0.23 30.46
C VAL A 174 33.40 -0.01 29.47
N PRO A 175 34.35 -0.88 29.83
CA PRO A 175 35.47 -1.21 28.96
C PRO A 175 34.98 -1.94 27.74
N GLY A 176 35.55 -1.66 26.58
CA GLY A 176 35.13 -2.27 25.37
C GLY A 176 35.06 -3.78 25.50
N PHE A 177 33.99 -4.35 24.93
CA PHE A 177 33.91 -5.77 24.69
C PHE A 177 33.27 -6.05 23.35
N ASN A 178 33.18 -7.30 22.96
CA ASN A 178 32.65 -7.62 21.64
C ASN A 178 31.11 -7.62 21.68
N ILE A 179 30.55 -6.50 21.25
CA ILE A 179 29.07 -6.39 21.21
C ILE A 179 28.37 -7.53 20.40
N GLU A 180 29.05 -8.18 19.43
CA GLU A 180 28.41 -9.25 18.71
C GLU A 180 28.02 -10.44 19.69
N GLU A 181 28.67 -10.50 20.87
CA GLU A 181 28.37 -11.49 21.88
C GLU A 181 26.91 -11.29 22.41
N LEU A 182 26.36 -10.07 22.31
CA LEU A 182 24.96 -9.87 22.68
C LEU A 182 23.94 -10.33 21.61
N LEU A 183 24.33 -10.77 20.39
CA LEU A 183 23.42 -11.12 19.35
C LEU A 183 23.19 -12.64 19.49
N PRO A 184 22.07 -13.10 18.97
CA PRO A 184 21.64 -14.46 19.13
C PRO A 184 22.28 -15.40 18.08
N GLU A 185 21.93 -16.68 18.16
CA GLU A 185 22.32 -17.63 17.12
C GLU A 185 21.69 -17.30 15.78
N ARG A 186 22.38 -17.67 14.70
CA ARG A 186 21.79 -17.61 13.39
C ARG A 186 21.20 -16.17 13.16
N THR A 187 22.07 -15.19 13.28
CA THR A 187 21.69 -13.84 12.92
C THR A 187 21.29 -13.69 11.45
N ALA A 188 21.62 -14.63 10.55
CA ALA A 188 21.00 -14.53 9.17
C ALA A 188 19.46 -14.60 9.18
N GLU A 189 18.86 -15.14 10.27
CA GLU A 189 17.42 -15.32 10.39
C GLU A 189 16.86 -14.08 11.07
N TYR A 190 16.03 -13.30 10.37
CA TYR A 190 15.47 -12.06 10.96
C TYR A 190 14.20 -11.59 10.28
N TYR A 191 13.43 -10.78 11.00
CA TYR A 191 12.29 -10.00 10.50
C TYR A 191 12.77 -8.61 10.11
N ARG A 192 12.22 -8.07 9.01
CA ARG A 192 12.64 -6.66 8.66
C ARG A 192 11.39 -5.89 8.32
N TYR A 193 11.31 -4.63 8.75
CA TYR A 193 10.14 -3.86 8.35
C TYR A 193 10.51 -2.38 8.53
N ARG A 194 9.74 -1.50 7.88
CA ARG A 194 10.00 -0.08 8.06
C ARG A 194 9.08 0.49 9.18
N GLY A 195 9.66 1.12 10.20
CA GLY A 195 8.84 1.59 11.30
C GLY A 195 9.43 2.90 11.85
N SER A 196 9.38 3.02 13.17
CA SER A 196 9.64 4.30 13.83
C SER A 196 10.46 3.99 15.13
N LEU A 197 10.96 5.07 15.71
CA LEU A 197 11.46 5.06 17.10
C LEU A 197 10.30 4.66 17.96
N THR A 198 10.57 3.96 19.06
CA THR A 198 9.50 3.56 19.96
C THR A 198 9.36 4.47 21.17
N THR A 199 10.13 5.59 21.19
CA THR A 199 10.06 6.57 22.18
C THR A 199 9.98 7.90 21.44
N PRO A 200 9.43 8.93 22.14
CA PRO A 200 9.52 10.26 21.56
C PRO A 200 10.93 10.54 21.03
N PRO A 201 10.99 11.16 19.85
CA PRO A 201 9.87 11.78 19.11
C PRO A 201 9.11 10.87 18.14
N CYS A 202 9.37 9.54 18.16
CA CYS A 202 8.66 8.47 17.36
C CYS A 202 8.81 8.72 15.87
N ASN A 203 9.97 9.29 15.45
CA ASN A 203 10.09 9.55 14.01
C ASN A 203 10.01 8.26 13.22
N PRO A 204 9.33 8.28 12.05
CA PRO A 204 9.10 7.06 11.23
C PRO A 204 10.25 6.83 10.29
N THR A 205 11.41 6.74 10.91
CA THR A 205 12.64 6.80 10.09
C THR A 205 13.53 5.60 10.33
N VAL A 206 12.97 4.52 10.89
CA VAL A 206 13.77 3.36 11.29
C VAL A 206 13.52 2.17 10.43
N LEU A 207 14.60 1.60 9.91
CA LEU A 207 14.59 0.27 9.28
C LEU A 207 14.87 -0.72 10.45
N TRP A 208 13.87 -1.54 10.77
CA TRP A 208 13.95 -2.49 11.89
C TRP A 208 14.43 -3.80 11.42
N THR A 209 15.38 -4.36 12.17
CA THR A 209 15.79 -5.76 11.96
C THR A 209 15.60 -6.43 13.32
N VAL A 210 14.66 -7.45 13.41
CA VAL A 210 14.46 -8.14 14.70
C VAL A 210 14.93 -9.60 14.48
N PHE A 211 15.94 -10.03 15.21
CA PHE A 211 16.47 -11.40 14.97
C PHE A 211 15.40 -12.37 15.37
N ARG A 212 15.33 -13.43 14.54
CA ARG A 212 14.31 -14.51 14.79
C ARG A 212 14.55 -15.18 16.15
N ASN A 213 15.81 -15.48 16.50
CA ASN A 213 16.08 -16.19 17.75
C ASN A 213 16.39 -15.34 18.93
N PRO A 214 15.82 -15.66 20.10
CA PRO A 214 16.15 -14.91 21.27
C PRO A 214 17.48 -15.38 21.88
N VAL A 215 17.96 -14.53 22.77
CA VAL A 215 19.05 -14.93 23.64
C VAL A 215 18.48 -15.26 25.03
N GLN A 216 19.33 -15.83 25.89
N GLN A 216 19.27 -15.90 25.89
CA GLN A 216 18.97 -16.08 27.31
CA GLN A 216 18.81 -16.24 27.25
C GLN A 216 19.76 -15.31 28.26
C GLN A 216 19.68 -15.52 28.25
N ILE A 217 19.08 -14.92 29.31
CA ILE A 217 19.77 -14.42 30.52
C ILE A 217 19.17 -15.12 31.75
N SER A 218 19.91 -15.12 32.87
CA SER A 218 19.36 -15.89 34.00
C SER A 218 18.24 -15.17 34.73
N GLN A 219 17.51 -15.92 35.53
CA GLN A 219 16.49 -15.26 36.34
C GLN A 219 17.07 -14.18 37.23
N GLU A 220 18.30 -14.36 37.75
CA GLU A 220 18.89 -13.37 38.60
C GLU A 220 19.26 -12.13 37.77
N GLN A 221 19.69 -12.38 36.49
CA GLN A 221 20.10 -11.22 35.67
C GLN A 221 18.84 -10.37 35.29
N LEU A 222 17.78 -11.07 34.95
CA LEU A 222 16.52 -10.37 34.57
C LEU A 222 16.00 -9.62 35.77
N LEU A 223 16.02 -10.24 36.98
CA LEU A 223 15.53 -9.54 38.15
C LEU A 223 16.43 -8.31 38.43
N ALA A 224 17.77 -8.40 38.20
CA ALA A 224 18.63 -7.27 38.38
C ALA A 224 18.26 -6.12 37.46
N LEU A 225 18.08 -6.46 36.19
CA LEU A 225 17.69 -5.42 35.26
C LEU A 225 16.41 -4.74 35.67
N GLU A 226 15.46 -5.54 36.16
CA GLU A 226 14.15 -4.98 36.51
C GLU A 226 14.14 -4.12 37.79
N THR A 227 15.13 -4.28 38.65
CA THR A 227 15.12 -3.71 40.02
C THR A 227 16.28 -2.73 40.26
N ALA A 228 17.27 -2.71 39.35
CA ALA A 228 18.46 -1.90 39.54
C ALA A 228 18.23 -0.39 39.35
N LEU A 229 17.22 0.02 38.53
CA LEU A 229 17.23 1.46 38.12
C LEU A 229 16.03 2.13 38.48
N TYR A 230 16.21 3.44 38.62
CA TYR A 230 15.11 4.42 38.83
C TYR A 230 15.09 5.40 37.66
N CYS A 231 13.92 6.03 37.43
CA CYS A 231 13.69 7.10 36.46
C CYS A 231 14.04 8.45 37.00
N THR A 232 14.07 8.51 38.33
CA THR A 232 14.21 9.82 39.03
C THR A 232 15.62 10.11 39.48
N HIS A 233 15.91 11.42 39.77
CA HIS A 233 17.18 11.81 40.40
C HIS A 233 17.29 11.26 41.79
N MET A 234 18.53 11.05 42.22
CA MET A 234 18.83 10.56 43.56
C MET A 234 18.13 11.32 44.69
N ASP A 235 18.04 12.65 44.58
CA ASP A 235 17.38 13.43 45.63
C ASP A 235 15.88 13.71 45.46
N ASP A 236 15.22 13.06 44.50
CA ASP A 236 13.79 13.17 44.31
C ASP A 236 13.02 12.59 45.51
N PRO A 237 12.20 13.41 46.17
CA PRO A 237 11.36 12.91 47.26
C PRO A 237 10.29 11.88 46.84
N SER A 238 10.05 11.77 45.53
CA SER A 238 9.04 10.85 45.03
C SER A 238 9.67 9.94 44.00
N PRO A 239 10.45 8.96 44.48
CA PRO A 239 11.19 8.21 43.47
C PRO A 239 10.27 7.32 42.62
N ARG A 240 10.77 6.97 41.44
CA ARG A 240 10.03 6.14 40.52
C ARG A 240 10.93 5.03 40.00
N GLU A 241 10.55 3.77 40.21
CA GLU A 241 11.32 2.66 39.60
C GLU A 241 11.29 2.69 38.07
N MET A 242 12.41 2.35 37.44
CA MET A 242 12.39 2.22 35.99
C MET A 242 11.98 0.77 35.72
N ILE A 243 10.68 0.63 35.43
CA ILE A 243 10.07 -0.65 35.05
C ILE A 243 9.06 -0.42 33.90
N ASN A 244 8.70 -1.49 33.19
CA ASN A 244 7.68 -1.45 32.17
C ASN A 244 7.97 -0.32 31.14
N ASN A 245 9.28 -0.17 30.81
CA ASN A 245 9.70 0.84 29.83
C ASN A 245 9.63 0.30 28.40
N PHE A 246 8.48 -0.15 27.98
CA PHE A 246 8.25 -0.60 26.64
C PHE A 246 6.94 0.01 26.16
N ARG A 247 6.87 0.22 24.84
CA ARG A 247 5.61 0.78 24.25
C ARG A 247 4.69 -0.34 23.84
N GLN A 248 3.39 -0.20 24.04
CA GLN A 248 2.41 -1.15 23.52
C GLN A 248 2.50 -1.30 22.00
N VAL A 249 2.22 -2.51 21.53
CA VAL A 249 2.23 -2.71 20.09
C VAL A 249 1.25 -1.80 19.33
N GLN A 250 1.64 -1.44 18.10
CA GLN A 250 0.84 -0.50 17.27
C GLN A 250 0.00 -1.27 16.21
N LYS A 251 -1.14 -0.71 15.74
CA LYS A 251 -1.83 -1.24 14.56
C LYS A 251 -0.87 -1.26 13.39
N PHE A 252 -0.94 -2.36 12.61
CA PHE A 252 -0.07 -2.53 11.43
C PHE A 252 -0.95 -3.18 10.36
N ASP A 253 -1.56 -2.40 9.50
CA ASP A 253 -2.62 -2.99 8.61
C ASP A 253 -2.29 -2.74 7.17
N GLU A 254 -2.61 -3.73 6.35
CA GLU A 254 -2.28 -3.72 4.93
C GLU A 254 -0.76 -3.61 4.69
N ARG A 255 0.00 -4.23 5.60
CA ARG A 255 1.45 -4.23 5.55
C ARG A 255 2.02 -5.62 5.82
N LEU A 256 3.23 -5.81 5.31
CA LEU A 256 3.99 -7.01 5.50
C LEU A 256 5.23 -6.73 6.37
N VAL A 257 5.62 -7.77 7.07
CA VAL A 257 6.96 -7.86 7.60
C VAL A 257 7.69 -8.93 6.78
N TYR A 258 8.87 -8.56 6.27
CA TYR A 258 9.65 -9.47 5.45
C TYR A 258 10.52 -10.31 6.31
N THR A 259 10.70 -11.59 5.94
CA THR A 259 11.53 -12.46 6.71
C THR A 259 12.66 -13.01 5.84
N SER A 260 13.81 -13.18 6.43
CA SER A 260 14.96 -13.74 5.67
C SER A 260 14.90 -15.24 5.69
N PHE A 261 13.93 -15.79 6.39
CA PHE A 261 13.77 -17.27 6.43
C PHE A 261 12.35 -17.60 5.96
N SER A 262 12.18 -18.81 5.46
CA SER A 262 10.87 -19.40 5.34
C SER A 262 10.91 -20.56 6.32
N LYS B 3 -14.01 14.44 15.65
CA LYS B 3 -13.93 13.54 14.47
C LYS B 3 -12.83 12.53 14.73
N TRP B 4 -12.72 12.07 15.97
CA TRP B 4 -11.81 10.94 16.26
C TRP B 4 -12.11 9.74 15.43
N THR B 5 -11.08 8.93 15.16
CA THR B 5 -11.23 7.72 14.33
C THR B 5 -10.36 6.60 14.92
N TYR B 6 -10.41 5.47 14.25
CA TYR B 6 -9.43 4.43 14.56
C TYR B 6 -8.26 4.30 13.63
N PHE B 7 -8.09 5.22 12.70
CA PHE B 7 -7.04 5.11 11.71
C PHE B 7 -6.60 6.49 11.27
N GLY B 8 -5.28 6.71 11.22
CA GLY B 8 -4.70 7.94 10.68
C GLY B 8 -4.53 9.04 11.73
N PRO B 9 -4.49 10.31 11.29
CA PRO B 9 -4.11 11.37 12.19
C PRO B 9 -4.94 11.55 13.38
N ASP B 10 -6.23 11.17 13.29
CA ASP B 10 -7.14 11.26 14.38
C ASP B 10 -7.42 9.94 15.12
N GLY B 11 -6.52 8.99 14.95
CA GLY B 11 -6.66 7.66 15.58
C GLY B 11 -6.17 7.64 17.03
N GLU B 12 -6.09 6.43 17.57
CA GLU B 12 -6.11 6.27 18.98
C GLU B 12 -4.99 6.98 19.74
N ASN B 13 -3.77 7.04 19.10
CA ASN B 13 -2.68 7.69 19.82
C ASN B 13 -2.84 9.22 19.95
N SER B 14 -3.87 9.70 19.24
CA SER B 14 -4.22 11.15 19.27
C SER B 14 -5.45 11.45 20.07
N TRP B 15 -6.17 10.45 20.54
CA TRP B 15 -7.43 10.77 21.31
C TRP B 15 -7.23 11.68 22.48
N SER B 16 -6.14 11.49 23.22
CA SER B 16 -5.87 12.17 24.49
C SER B 16 -5.64 13.67 24.25
N LYS B 17 -5.39 14.03 23.00
CA LYS B 17 -5.28 15.51 22.68
C LYS B 17 -6.57 16.18 22.93
N LYS B 18 -7.71 15.54 22.71
CA LYS B 18 -9.02 16.25 22.88
C LYS B 18 -9.81 15.67 24.07
N TYR B 19 -9.43 14.47 24.53
CA TYR B 19 -10.21 13.75 25.51
C TYR B 19 -9.16 13.29 26.57
N PRO B 20 -8.92 14.07 27.62
CA PRO B 20 -7.80 13.83 28.51
C PRO B 20 -7.85 12.49 29.23
N SER B 21 -9.03 11.98 29.48
CA SER B 21 -9.11 10.71 30.18
C SER B 21 -8.54 9.58 29.36
N CYS B 22 -8.45 9.75 28.04
CA CYS B 22 -7.88 8.68 27.19
C CYS B 22 -6.42 8.50 27.44
N GLY B 23 -5.73 9.53 28.00
CA GLY B 23 -4.31 9.39 28.45
C GLY B 23 -4.21 9.21 29.95
N GLY B 24 -5.34 8.94 30.66
CA GLY B 24 -5.28 8.83 32.12
C GLY B 24 -5.21 7.41 32.59
N LEU B 25 -5.59 7.18 33.82
CA LEU B 25 -5.40 5.79 34.33
C LEU B 25 -6.62 4.94 34.10
N LEU B 26 -6.47 3.65 34.46
CA LEU B 26 -7.56 2.66 34.44
C LEU B 26 -8.13 2.42 33.03
N GLN B 27 -7.30 2.51 32.02
CA GLN B 27 -7.83 2.42 30.61
C GLN B 27 -8.07 0.95 30.19
N SER B 28 -9.08 0.76 29.33
CA SER B 28 -9.40 -0.54 28.72
C SER B 28 -9.25 -0.37 27.18
N PRO B 29 -9.13 -1.45 26.43
CA PRO B 29 -9.14 -2.87 26.87
C PRO B 29 -7.75 -3.28 27.35
N ILE B 30 -7.72 -4.53 27.80
CA ILE B 30 -6.44 -5.13 28.21
C ILE B 30 -6.28 -6.57 27.73
N ASP B 31 -5.02 -7.07 27.85
CA ASP B 31 -4.72 -8.45 27.54
C ASP B 31 -4.87 -9.26 28.79
N LEU B 32 -5.64 -10.33 28.70
CA LEU B 32 -5.94 -11.12 29.88
C LEU B 32 -4.91 -12.26 29.85
N HIS B 33 -3.95 -12.22 30.77
CA HIS B 33 -2.86 -13.21 30.77
C HIS B 33 -2.56 -13.61 32.23
N SER B 34 -1.97 -14.77 32.38
CA SER B 34 -1.87 -15.34 33.73
C SER B 34 -1.21 -14.52 34.78
N ASP B 35 -0.15 -13.74 34.48
CA ASP B 35 0.53 -12.97 35.52
C ASP B 35 -0.33 -11.93 36.23
N ILE B 36 -1.46 -11.58 35.64
CA ILE B 36 -2.26 -10.54 36.25
C ILE B 36 -3.63 -11.05 36.67
N LEU B 37 -3.82 -12.34 36.59
CA LEU B 37 -5.14 -12.97 36.94
C LEU B 37 -5.11 -13.42 38.40
N GLN B 38 -6.21 -13.24 39.13
CA GLN B 38 -6.27 -13.75 40.53
C GLN B 38 -7.68 -14.24 40.82
N TYR B 39 -7.76 -15.50 41.24
CA TYR B 39 -9.06 -16.08 41.55
C TYR B 39 -9.73 -15.33 42.69
N ASP B 40 -11.03 -15.09 42.55
CA ASP B 40 -11.79 -14.37 43.61
C ASP B 40 -13.11 -15.11 43.84
N ALA B 41 -13.22 -15.87 44.93
CA ALA B 41 -14.41 -16.68 45.18
C ALA B 41 -15.68 -15.82 45.47
N SER B 42 -15.50 -14.54 45.73
CA SER B 42 -16.68 -13.68 45.94
C SER B 42 -17.39 -13.22 44.61
N LEU B 43 -16.79 -13.59 43.48
CA LEU B 43 -17.42 -13.35 42.15
C LEU B 43 -18.48 -14.40 41.81
N THR B 44 -19.65 -14.20 42.40
CA THR B 44 -20.80 -15.08 42.25
C THR B 44 -21.51 -14.82 40.91
N PRO B 45 -22.44 -15.72 40.51
CA PRO B 45 -23.04 -15.62 39.18
C PRO B 45 -23.90 -14.35 39.02
N LEU B 46 -23.77 -13.67 37.87
CA LEU B 46 -24.75 -12.57 37.58
C LEU B 46 -26.08 -13.22 37.19
N GLU B 47 -27.19 -12.50 37.41
CA GLU B 47 -28.46 -12.93 36.85
C GLU B 47 -28.90 -11.83 35.87
N PHE B 48 -29.42 -12.31 34.77
CA PHE B 48 -29.80 -11.43 33.62
C PHE B 48 -31.30 -11.31 33.58
N GLN B 49 -31.82 -10.12 33.90
N GLN B 49 -31.82 -10.14 33.93
CA GLN B 49 -33.27 -9.99 34.12
CA GLN B 49 -33.27 -10.04 34.05
C GLN B 49 -33.89 -9.08 33.05
C GLN B 49 -33.80 -9.19 32.92
N GLY B 50 -34.96 -9.59 32.42
CA GLY B 50 -35.64 -8.88 31.34
C GLY B 50 -34.79 -8.76 30.11
N TYR B 51 -33.90 -9.75 29.95
CA TYR B 51 -33.12 -9.85 28.70
C TYR B 51 -34.00 -10.37 27.55
N ASN B 52 -35.10 -11.09 27.91
CA ASN B 52 -35.94 -11.64 26.85
C ASN B 52 -36.91 -10.63 26.27
N LEU B 53 -36.41 -9.82 25.38
CA LEU B 53 -37.23 -8.65 24.89
C LEU B 53 -38.40 -9.24 23.97
N SER B 54 -39.58 -8.65 24.09
CA SER B 54 -40.69 -9.16 23.33
C SER B 54 -40.52 -8.95 21.84
N ALA B 55 -40.75 -10.03 21.09
CA ALA B 55 -40.73 -10.04 19.60
C ALA B 55 -41.74 -9.13 18.98
N ASN B 56 -42.72 -8.70 19.76
CA ASN B 56 -43.73 -7.82 19.19
C ASN B 56 -43.38 -6.37 19.42
N LYS B 57 -42.32 -6.16 20.16
CA LYS B 57 -41.78 -4.79 20.40
C LYS B 57 -40.60 -4.57 19.46
N GLN B 58 -40.22 -3.31 19.25
CA GLN B 58 -38.97 -3.15 18.43
C GLN B 58 -38.04 -2.13 19.01
N PHE B 59 -36.75 -2.31 18.69
CA PHE B 59 -35.66 -1.52 19.36
C PHE B 59 -34.78 -0.83 18.36
N LEU B 60 -34.43 0.40 18.69
CA LEU B 60 -33.72 1.23 17.74
C LEU B 60 -32.26 0.89 17.55
N LEU B 61 -31.90 0.69 16.29
CA LEU B 61 -30.52 0.35 15.85
C LEU B 61 -30.03 1.68 15.21
N THR B 62 -28.84 2.18 15.59
CA THR B 62 -28.34 3.46 15.05
C THR B 62 -26.85 3.33 14.67
N ASN B 63 -26.48 3.89 13.53
CA ASN B 63 -25.09 4.13 13.16
C ASN B 63 -24.77 5.58 13.55
N ASN B 64 -23.83 5.75 14.50
CA ASN B 64 -23.50 7.14 14.88
C ASN B 64 -22.19 7.60 14.27
N GLY B 65 -21.67 6.79 13.33
CA GLY B 65 -20.39 7.17 12.69
C GLY B 65 -19.20 6.50 13.31
N HIS B 66 -19.31 6.05 14.56
CA HIS B 66 -18.15 5.46 15.26
C HIS B 66 -18.47 4.03 15.61
N SER B 67 -19.78 3.77 15.75
CA SER B 67 -20.28 2.48 16.16
C SER B 67 -21.69 2.25 15.55
N VAL B 68 -22.13 0.98 15.57
CA VAL B 68 -23.59 0.66 15.40
C VAL B 68 -24.12 0.16 16.75
N LYS B 69 -25.13 0.81 17.29
CA LYS B 69 -25.61 0.40 18.67
C LYS B 69 -27.10 0.05 18.56
N LEU B 70 -27.48 -0.94 19.37
CA LEU B 70 -28.93 -1.26 19.56
C LEU B 70 -29.31 -0.73 20.90
N ASN B 71 -30.39 0.14 20.95
CA ASN B 71 -30.86 0.68 22.28
C ASN B 71 -31.60 -0.45 23.03
N LEU B 72 -31.43 -0.46 24.37
CA LEU B 72 -32.07 -1.49 25.15
C LEU B 72 -32.88 -0.77 26.22
N PRO B 73 -33.97 -1.45 26.67
CA PRO B 73 -34.88 -0.83 27.62
C PRO B 73 -34.37 -0.92 29.08
N SER B 74 -34.72 0.06 29.88
CA SER B 74 -34.20 0.13 31.25
C SER B 74 -34.80 -0.93 32.17
N ASP B 75 -35.82 -1.64 31.75
CA ASP B 75 -36.34 -2.77 32.53
C ASP B 75 -35.45 -4.05 32.36
N MET B 76 -34.47 -3.95 31.47
CA MET B 76 -33.51 -5.01 31.28
C MET B 76 -32.37 -4.72 32.25
N HIS B 77 -32.00 -5.72 33.08
CA HIS B 77 -30.96 -5.49 34.06
C HIS B 77 -30.12 -6.64 34.43
N ILE B 78 -29.03 -6.30 35.08
CA ILE B 78 -28.20 -7.36 35.72
C ILE B 78 -28.30 -7.28 37.24
N GLN B 79 -28.60 -8.43 37.83
CA GLN B 79 -28.67 -8.57 39.31
C GLN B 79 -27.41 -9.36 39.72
N GLY B 80 -26.78 -8.95 40.81
CA GLY B 80 -25.61 -9.71 41.32
C GLY B 80 -24.56 -8.76 41.75
N LEU B 81 -24.56 -7.58 41.10
CA LEU B 81 -23.67 -6.48 41.46
C LEU B 81 -24.17 -5.80 42.73
N GLN B 82 -23.42 -4.80 43.20
CA GLN B 82 -23.76 -4.23 44.51
C GLN B 82 -24.85 -3.16 44.38
N SER B 83 -25.16 -2.78 43.14
CA SER B 83 -26.42 -2.10 42.81
C SER B 83 -27.01 -2.79 41.59
N ARG B 84 -28.29 -2.54 41.32
N ARG B 84 -28.29 -2.54 41.30
CA ARG B 84 -28.86 -2.94 40.06
CA ARG B 84 -28.91 -3.02 40.06
C ARG B 84 -28.19 -2.10 38.97
C ARG B 84 -28.41 -2.13 38.89
N TYR B 85 -27.88 -2.75 37.85
CA TYR B 85 -27.44 -1.99 36.68
C TYR B 85 -28.40 -2.28 35.58
N SER B 86 -28.94 -1.22 34.97
CA SER B 86 -29.89 -1.38 33.87
C SER B 86 -29.19 -1.18 32.51
N ALA B 87 -29.70 -1.92 31.54
CA ALA B 87 -29.10 -1.93 30.16
C ALA B 87 -29.40 -0.58 29.55
N THR B 88 -28.50 -0.13 28.68
CA THR B 88 -28.78 1.08 27.90
C THR B 88 -28.54 0.85 26.40
N GLN B 89 -27.51 0.03 26.07
CA GLN B 89 -27.31 -0.27 24.62
C GLN B 89 -26.31 -1.41 24.45
N LEU B 90 -26.29 -2.06 23.29
CA LEU B 90 -25.17 -3.00 22.97
C LEU B 90 -24.56 -2.61 21.61
N HIS B 91 -23.29 -3.00 21.38
CA HIS B 91 -22.65 -2.68 20.08
C HIS B 91 -21.54 -3.72 19.94
N LEU B 92 -20.87 -3.64 18.80
CA LEU B 92 -19.73 -4.58 18.53
C LEU B 92 -18.48 -3.84 18.12
N HIS B 93 -17.42 -4.64 18.09
CA HIS B 93 -16.11 -4.16 17.55
C HIS B 93 -15.54 -5.24 16.72
N TRP B 94 -14.87 -4.89 15.60
CA TRP B 94 -14.41 -5.95 14.63
C TRP B 94 -13.29 -5.44 13.81
N GLY B 95 -12.76 -6.37 12.97
CA GLY B 95 -11.52 -6.06 12.16
C GLY B 95 -11.93 -5.67 10.74
N ASN B 96 -11.48 -6.42 9.74
CA ASN B 96 -11.77 -6.12 8.34
C ASN B 96 -11.77 -7.38 7.56
N PRO B 97 -12.19 -7.37 6.26
CA PRO B 97 -12.41 -8.61 5.56
C PRO B 97 -11.14 -9.42 5.42
N ASN B 98 -10.01 -8.73 5.35
CA ASN B 98 -8.75 -9.43 5.12
C ASN B 98 -7.98 -9.74 6.38
N ASP B 99 -8.53 -9.32 7.51
CA ASP B 99 -7.94 -9.56 8.83
C ASP B 99 -9.06 -9.60 9.89
N PRO B 100 -9.76 -10.73 9.96
CA PRO B 100 -10.93 -10.78 10.84
C PRO B 100 -10.50 -11.08 12.28
N HIS B 101 -9.83 -10.09 12.87
CA HIS B 101 -9.26 -10.19 14.28
C HIS B 101 -9.36 -8.90 15.01
N GLY B 102 -10.60 -8.54 15.32
CA GLY B 102 -10.84 -7.17 15.86
C GLY B 102 -11.52 -7.15 17.25
N SER B 103 -11.35 -8.16 18.08
CA SER B 103 -11.75 -7.99 19.46
C SER B 103 -10.92 -6.93 20.14
N GLU B 104 -11.48 -6.33 21.19
CA GLU B 104 -10.80 -5.36 22.01
C GLU B 104 -9.94 -5.99 23.05
N HIS B 105 -10.50 -6.76 23.97
CA HIS B 105 -9.65 -7.57 24.82
C HIS B 105 -9.02 -8.75 24.08
N THR B 106 -7.78 -9.04 24.54
CA THR B 106 -7.12 -10.23 23.99
C THR B 106 -6.89 -11.16 25.16
N VAL B 107 -6.54 -12.41 24.81
CA VAL B 107 -6.39 -13.47 25.83
C VAL B 107 -5.09 -14.12 25.47
N SER B 108 -4.18 -14.07 26.44
CA SER B 108 -2.78 -14.53 26.29
C SER B 108 -2.26 -14.04 24.93
N GLY B 109 -2.43 -12.74 24.67
CA GLY B 109 -1.93 -12.06 23.53
C GLY B 109 -2.61 -12.19 22.15
N GLN B 110 -3.67 -13.00 22.09
CA GLN B 110 -4.41 -13.27 20.84
C GLN B 110 -5.75 -12.52 20.79
N HIS B 111 -6.02 -11.95 19.61
CA HIS B 111 -7.30 -11.34 19.30
C HIS B 111 -8.30 -12.38 18.86
N PHE B 112 -9.53 -12.30 19.33
CA PHE B 112 -10.67 -12.89 18.76
C PHE B 112 -11.21 -12.12 17.55
N ALA B 113 -12.16 -12.70 16.84
CA ALA B 113 -12.58 -12.14 15.55
C ALA B 113 -13.27 -10.80 15.82
N ALA B 114 -14.07 -10.79 16.89
CA ALA B 114 -14.94 -9.57 17.18
C ALA B 114 -15.33 -9.65 18.66
N GLU B 115 -16.02 -8.55 19.10
CA GLU B 115 -16.40 -8.49 20.49
C GLU B 115 -17.69 -7.77 20.63
N LEU B 116 -18.59 -8.38 21.40
CA LEU B 116 -19.91 -7.72 21.72
C LEU B 116 -19.85 -7.13 23.14
N HIS B 117 -20.27 -5.82 23.23
CA HIS B 117 -20.41 -5.10 24.54
C HIS B 117 -21.84 -4.79 24.81
N ILE B 118 -22.31 -5.16 26.03
CA ILE B 118 -23.66 -4.77 26.48
C ILE B 118 -23.43 -3.82 27.64
N VAL B 119 -23.79 -2.50 27.42
CA VAL B 119 -23.48 -1.37 28.33
C VAL B 119 -24.66 -1.22 29.29
N HIS B 120 -24.35 -1.18 30.57
CA HIS B 120 -25.38 -0.94 31.60
C HIS B 120 -24.89 0.21 32.48
N TYR B 121 -25.84 0.84 33.18
CA TYR B 121 -25.53 1.92 34.12
C TYR B 121 -26.24 1.69 35.46
N ASN B 122 -25.66 2.21 36.54
CA ASN B 122 -26.28 2.02 37.86
C ASN B 122 -27.59 2.86 38.02
N SER B 123 -28.71 2.21 37.75
CA SER B 123 -30.04 2.87 37.74
C SER B 123 -30.65 2.99 39.14
N ASP B 124 -30.02 2.36 40.12
CA ASP B 124 -30.33 2.62 41.54
C ASP B 124 -29.98 4.06 41.93
N LEU B 125 -28.91 4.58 41.33
CA LEU B 125 -28.26 5.85 41.72
C LEU B 125 -28.45 6.95 40.70
N TYR B 126 -28.55 6.60 39.40
CA TYR B 126 -28.58 7.59 38.31
C TYR B 126 -29.77 7.41 37.41
N PRO B 127 -30.29 8.53 36.86
CA PRO B 127 -31.48 8.42 36.08
C PRO B 127 -31.22 8.10 34.58
N ASP B 128 -29.95 7.99 34.16
CA ASP B 128 -29.65 7.70 32.77
C ASP B 128 -28.16 7.44 32.73
N ALA B 129 -27.75 6.71 31.69
CA ALA B 129 -26.37 6.32 31.47
C ALA B 129 -25.38 7.45 31.32
N SER B 130 -25.80 8.57 30.70
CA SER B 130 -24.84 9.69 30.54
C SER B 130 -24.42 10.26 31.88
N THR B 131 -25.40 10.44 32.76
CA THR B 131 -25.09 10.87 34.12
C THR B 131 -24.15 9.90 34.85
N ALA B 132 -24.46 8.57 34.80
CA ALA B 132 -23.67 7.51 35.42
C ALA B 132 -22.22 7.47 34.92
N SER B 133 -22.05 7.82 33.66
CA SER B 133 -20.77 7.64 32.98
C SER B 133 -19.60 8.48 33.59
N ASN B 134 -19.91 9.57 34.33
CA ASN B 134 -18.92 10.39 35.05
C ASN B 134 -18.77 9.99 36.50
N LYS B 135 -19.45 8.94 36.92
CA LYS B 135 -19.45 8.63 38.37
C LYS B 135 -18.76 7.33 38.66
N SER B 136 -18.22 7.23 39.89
CA SER B 136 -17.45 6.09 40.32
C SER B 136 -18.33 4.83 40.14
N GLU B 137 -17.80 3.80 39.48
CA GLU B 137 -18.54 2.57 39.16
C GLU B 137 -19.95 2.79 38.57
N GLY B 138 -20.11 3.90 37.86
CA GLY B 138 -21.36 4.24 37.26
C GLY B 138 -21.81 3.32 36.12
N LEU B 139 -20.86 2.72 35.39
CA LEU B 139 -21.21 1.85 34.22
C LEU B 139 -20.76 0.38 34.48
N ALA B 140 -21.46 -0.59 33.96
CA ALA B 140 -20.95 -2.00 33.98
C ALA B 140 -21.16 -2.45 32.54
N VAL B 141 -20.08 -2.98 31.96
CA VAL B 141 -20.21 -3.45 30.56
C VAL B 141 -19.93 -4.97 30.55
N LEU B 142 -20.78 -5.74 29.91
CA LEU B 142 -20.51 -7.20 29.73
C LEU B 142 -19.85 -7.33 28.37
N ALA B 143 -18.77 -8.15 28.30
CA ALA B 143 -18.12 -8.35 27.04
C ALA B 143 -18.15 -9.84 26.68
N VAL B 144 -18.56 -10.04 25.41
CA VAL B 144 -18.53 -11.42 24.84
C VAL B 144 -17.50 -11.48 23.70
N LEU B 145 -16.53 -12.38 23.81
CA LEU B 145 -15.53 -12.64 22.78
C LEU B 145 -16.21 -13.46 21.71
N ILE B 146 -15.91 -13.09 20.45
CA ILE B 146 -16.51 -13.69 19.30
C ILE B 146 -15.47 -14.32 18.40
N GLU B 147 -15.58 -15.60 18.14
CA GLU B 147 -14.60 -16.29 17.27
C GLU B 147 -15.33 -16.72 16.00
N MET B 148 -14.58 -16.86 14.90
CA MET B 148 -15.07 -17.38 13.64
C MET B 148 -15.38 -18.87 13.81
N GLY B 149 -16.66 -19.17 13.52
CA GLY B 149 -17.13 -20.57 13.69
C GLY B 149 -18.42 -20.82 12.95
N SER B 150 -19.35 -21.48 13.67
CA SER B 150 -20.68 -21.70 13.12
C SER B 150 -21.53 -20.43 13.00
N PHE B 151 -22.38 -20.51 11.96
CA PHE B 151 -23.45 -19.49 11.79
C PHE B 151 -24.24 -19.40 13.11
N ASN B 152 -24.51 -18.15 13.52
CA ASN B 152 -25.23 -17.90 14.75
C ASN B 152 -26.55 -17.18 14.45
N PRO B 153 -27.66 -17.87 14.55
CA PRO B 153 -28.98 -17.27 14.24
C PRO B 153 -29.31 -16.10 15.17
N SER B 154 -28.88 -16.18 16.43
CA SER B 154 -29.22 -15.06 17.35
C SER B 154 -28.50 -13.79 17.00
N TYR B 155 -27.19 -13.86 16.70
CA TYR B 155 -26.49 -12.65 16.28
C TYR B 155 -27.07 -12.16 14.95
N ASP B 156 -27.53 -13.04 14.12
CA ASP B 156 -28.03 -12.63 12.86
C ASP B 156 -29.34 -11.75 13.01
N LYS B 157 -29.99 -11.83 14.16
CA LYS B 157 -31.19 -10.99 14.42
C LYS B 157 -30.72 -9.55 14.41
N ILE B 158 -29.45 -9.32 14.71
CA ILE B 158 -28.93 -7.92 14.57
C ILE B 158 -28.34 -7.74 13.20
N PHE B 159 -27.53 -8.70 12.72
CA PHE B 159 -26.76 -8.48 11.49
C PHE B 159 -27.60 -8.37 10.26
N SER B 160 -28.77 -8.99 10.32
CA SER B 160 -29.70 -8.90 9.18
C SER B 160 -30.20 -7.48 8.94
N HIS B 161 -29.96 -6.54 9.85
CA HIS B 161 -30.45 -5.12 9.74
C HIS B 161 -29.38 -4.14 9.39
N LEU B 162 -28.14 -4.61 9.29
CA LEU B 162 -27.05 -3.65 9.03
C LEU B 162 -27.07 -2.93 7.72
N GLN B 163 -27.58 -3.56 6.65
N GLN B 163 -27.57 -3.60 6.68
CA GLN B 163 -27.67 -2.91 5.32
CA GLN B 163 -27.75 -3.03 5.35
C GLN B 163 -28.72 -1.79 5.32
C GLN B 163 -28.51 -1.69 5.44
N HIS B 164 -29.31 -1.59 6.50
CA HIS B 164 -30.26 -0.54 6.68
C HIS B 164 -29.80 0.58 7.58
N VAL B 165 -28.59 0.47 8.12
CA VAL B 165 -27.99 1.55 8.91
C VAL B 165 -26.55 1.72 8.40
N LYS B 166 -26.44 1.65 7.08
N LYS B 166 -26.36 1.58 7.09
CA LYS B 166 -25.14 1.62 6.41
CA LYS B 166 -24.97 1.60 6.51
C LYS B 166 -24.35 2.89 6.56
C LYS B 166 -24.25 2.89 6.86
N TYR B 167 -25.00 4.01 6.88
CA TYR B 167 -24.30 5.27 6.98
C TYR B 167 -24.56 6.01 8.28
N LYS B 168 -23.65 6.94 8.63
CA LYS B 168 -23.79 7.69 9.82
C LYS B 168 -25.14 8.41 9.86
N GLY B 169 -25.77 8.32 11.05
CA GLY B 169 -27.09 9.00 11.33
C GLY B 169 -28.29 8.19 10.98
N GLN B 170 -28.11 7.06 10.29
CA GLN B 170 -29.25 6.19 9.89
C GLN B 170 -29.68 5.36 11.11
N GLU B 171 -30.97 5.05 11.12
CA GLU B 171 -31.66 4.33 12.22
C GLU B 171 -32.64 3.34 11.59
N ALA B 172 -32.71 2.14 12.21
CA ALA B 172 -33.57 1.07 11.84
C ALA B 172 -34.16 0.50 13.14
N PHE B 173 -35.22 -0.28 13.00
CA PHE B 173 -35.82 -0.98 14.12
C PHE B 173 -35.62 -2.53 14.02
N VAL B 174 -35.27 -3.08 15.19
CA VAL B 174 -34.96 -4.50 15.30
C VAL B 174 -36.06 -5.09 16.23
N PRO B 175 -36.75 -6.19 15.76
CA PRO B 175 -37.75 -6.78 16.66
C PRO B 175 -37.03 -7.31 17.93
N GLY B 176 -37.69 -7.30 19.09
CA GLY B 176 -37.07 -7.92 20.25
C GLY B 176 -36.82 -9.42 20.10
N PHE B 177 -35.77 -9.79 20.82
CA PHE B 177 -35.37 -11.22 20.94
C PHE B 177 -34.69 -11.36 22.29
N ASN B 178 -34.32 -12.62 22.59
CA ASN B 178 -33.77 -12.84 23.89
C ASN B 178 -32.29 -12.56 23.81
N ILE B 179 -31.96 -11.41 24.38
CA ILE B 179 -30.50 -11.02 24.38
C ILE B 179 -29.57 -12.06 25.08
N GLU B 180 -30.07 -12.82 26.05
CA GLU B 180 -29.28 -13.89 26.65
C GLU B 180 -28.77 -14.87 25.62
N GLU B 181 -29.43 -15.00 24.47
CA GLU B 181 -28.93 -15.83 23.39
C GLU B 181 -27.57 -15.38 22.84
N LEU B 182 -27.22 -14.11 23.08
CA LEU B 182 -25.91 -13.64 22.59
C LEU B 182 -24.78 -13.98 23.56
N LEU B 183 -25.12 -14.36 24.80
CA LEU B 183 -24.11 -14.71 25.79
C LEU B 183 -23.60 -16.17 25.59
N PRO B 184 -22.36 -16.42 26.02
CA PRO B 184 -21.82 -17.76 25.81
C PRO B 184 -22.27 -18.74 26.84
N GLU B 185 -21.66 -19.94 26.74
CA GLU B 185 -21.83 -20.98 27.75
C GLU B 185 -21.14 -20.63 29.03
N ARG B 186 -21.68 -21.17 30.13
N ARG B 186 -21.75 -21.12 30.11
CA ARG B 186 -21.10 -21.01 31.46
CA ARG B 186 -21.25 -21.00 31.47
C ARG B 186 -20.87 -19.51 31.78
C ARG B 186 -20.91 -19.54 31.77
N THR B 187 -21.92 -18.70 31.69
CA THR B 187 -21.71 -17.33 32.08
C THR B 187 -21.17 -17.14 33.52
N ALA B 188 -21.30 -18.15 34.41
CA ALA B 188 -20.74 -17.93 35.71
C ALA B 188 -19.18 -17.76 35.71
N GLU B 189 -18.54 -18.16 34.62
CA GLU B 189 -17.07 -18.05 34.53
C GLU B 189 -16.73 -16.76 33.76
N TYR B 190 -16.12 -15.82 34.45
CA TYR B 190 -15.81 -14.51 33.87
C TYR B 190 -14.60 -13.91 34.52
N TYR B 191 -14.06 -12.88 33.83
CA TYR B 191 -13.02 -12.01 34.33
C TYR B 191 -13.67 -10.68 34.68
N ARG B 192 -13.17 -10.10 35.76
CA ARG B 192 -13.70 -8.86 36.28
C ARG B 192 -12.59 -7.90 36.55
N TYR B 193 -12.81 -6.66 36.16
CA TYR B 193 -11.79 -5.61 36.47
C TYR B 193 -12.32 -4.21 36.37
N ARG B 194 -11.58 -3.23 36.98
CA ARG B 194 -11.96 -1.80 36.92
C ARG B 194 -11.26 -1.28 35.72
N GLY B 195 -12.03 -0.67 34.80
CA GLY B 195 -11.38 0.04 33.65
C GLY B 195 -12.21 1.19 33.14
N SER B 196 -12.24 1.33 31.83
CA SER B 196 -12.78 2.52 31.24
C SER B 196 -13.61 2.23 30.00
N LEU B 197 -14.28 3.27 29.51
CA LEU B 197 -14.79 3.26 28.13
C LEU B 197 -13.61 3.04 27.20
N THR B 198 -13.84 2.28 26.09
CA THR B 198 -12.73 2.06 25.15
C THR B 198 -12.79 3.02 23.97
N THR B 199 -13.70 4.04 24.06
CA THR B 199 -13.76 5.10 23.05
C THR B 199 -13.73 6.40 23.85
N PRO B 200 -13.33 7.50 23.19
CA PRO B 200 -13.60 8.85 23.74
C PRO B 200 -15.03 8.89 24.32
N PRO B 201 -15.17 9.48 25.54
CA PRO B 201 -14.18 10.24 26.26
C PRO B 201 -13.28 9.36 27.22
N CYS B 202 -13.37 8.02 27.12
CA CYS B 202 -12.46 7.08 27.87
C CYS B 202 -12.63 7.22 29.39
N ASN B 203 -13.86 7.55 29.82
CA ASN B 203 -14.09 7.76 31.27
C ASN B 203 -13.68 6.53 32.03
N PRO B 204 -12.98 6.68 33.13
CA PRO B 204 -12.49 5.43 33.89
C PRO B 204 -13.53 4.89 34.90
N THR B 205 -14.74 4.66 34.41
CA THR B 205 -15.88 4.52 35.25
C THR B 205 -16.59 3.20 35.04
N VAL B 206 -15.90 2.25 34.44
CA VAL B 206 -16.54 0.99 34.02
C VAL B 206 -16.09 -0.21 34.82
N LEU B 207 -17.03 -0.97 35.35
CA LEU B 207 -16.76 -2.28 35.91
C LEU B 207 -16.93 -3.28 34.73
N TRP B 208 -15.82 -3.86 34.28
CA TRP B 208 -15.85 -4.85 33.16
C TRP B 208 -16.07 -6.24 33.66
N THR B 209 -16.90 -6.93 32.92
CA THR B 209 -17.08 -8.44 33.05
C THR B 209 -16.84 -8.97 31.67
N VAL B 210 -15.79 -9.80 31.50
CA VAL B 210 -15.52 -10.43 30.21
C VAL B 210 -15.79 -11.96 30.40
N PHE B 211 -16.79 -12.48 29.69
CA PHE B 211 -17.02 -13.93 29.89
C PHE B 211 -15.85 -14.72 29.44
N ARG B 212 -15.63 -15.86 30.14
CA ARG B 212 -14.44 -16.66 29.85
C ARG B 212 -14.61 -17.32 28.49
N ASN B 213 -15.81 -17.79 28.11
CA ASN B 213 -15.97 -18.55 26.91
C ASN B 213 -16.46 -17.68 25.77
N PRO B 214 -15.89 -17.82 24.58
CA PRO B 214 -16.37 -17.11 23.38
C PRO B 214 -17.64 -17.69 22.79
N VAL B 215 -18.32 -16.90 21.99
CA VAL B 215 -19.36 -17.42 21.11
C VAL B 215 -18.81 -17.48 19.66
N GLN B 216 -19.52 -18.18 18.77
CA GLN B 216 -19.13 -18.28 17.35
C GLN B 216 -20.12 -17.51 16.50
N ILE B 217 -19.60 -16.88 15.44
CA ILE B 217 -20.42 -16.48 14.29
C ILE B 217 -19.66 -16.90 13.05
N SER B 218 -20.34 -16.96 11.93
CA SER B 218 -19.64 -17.52 10.73
C SER B 218 -18.76 -16.54 9.99
N GLN B 219 -17.88 -17.07 9.15
CA GLN B 219 -17.14 -16.24 8.22
C GLN B 219 -18.03 -15.23 7.40
N GLU B 220 -19.18 -15.72 6.92
CA GLU B 220 -20.06 -14.89 6.14
C GLU B 220 -20.66 -13.78 7.00
N GLN B 221 -20.98 -14.11 8.27
CA GLN B 221 -21.54 -13.04 9.18
C GLN B 221 -20.47 -12.02 9.48
N LEU B 222 -19.23 -12.49 9.73
CA LEU B 222 -18.16 -11.50 9.92
C LEU B 222 -17.95 -10.66 8.65
N LEU B 223 -17.97 -11.29 7.47
CA LEU B 223 -17.74 -10.54 6.21
C LEU B 223 -18.84 -9.50 6.02
N ALA B 224 -20.11 -9.85 6.32
CA ALA B 224 -21.21 -8.87 6.28
C ALA B 224 -20.93 -7.74 7.19
N LEU B 225 -20.63 -8.04 8.46
CA LEU B 225 -20.41 -7.02 9.47
C LEU B 225 -19.28 -6.08 9.04
N GLU B 226 -18.23 -6.66 8.48
CA GLU B 226 -17.05 -5.90 8.06
C GLU B 226 -17.19 -5.11 6.73
N THR B 227 -18.20 -5.44 5.95
CA THR B 227 -18.41 -4.74 4.68
C THR B 227 -19.66 -3.89 4.67
N ALA B 228 -20.54 -4.04 5.65
CA ALA B 228 -21.81 -3.35 5.52
C ALA B 228 -21.78 -1.77 5.82
N LEU B 229 -20.86 -1.35 6.67
CA LEU B 229 -21.09 -0.06 7.39
C LEU B 229 -19.99 0.93 7.12
N TYR B 230 -20.40 2.18 7.17
CA TYR B 230 -19.55 3.38 6.93
C TYR B 230 -19.59 4.28 8.15
N CYS B 231 -18.47 4.93 8.44
CA CYS B 231 -18.39 6.01 9.48
C CYS B 231 -19.04 7.30 9.05
N THR B 232 -19.28 7.42 7.73
CA THR B 232 -19.55 8.76 7.15
C THR B 232 -21.03 8.79 6.73
N HIS B 233 -21.58 10.02 6.55
CA HIS B 233 -22.92 10.12 6.00
C HIS B 233 -23.05 9.62 4.57
N MET B 234 -24.27 9.27 4.20
CA MET B 234 -24.64 8.73 2.86
C MET B 234 -24.11 9.65 1.76
N ASP B 235 -24.10 10.94 2.02
CA ASP B 235 -23.70 11.89 0.95
C ASP B 235 -22.27 12.42 1.10
N ASP B 236 -21.41 11.72 1.88
CA ASP B 236 -20.09 12.26 2.13
C ASP B 236 -19.23 11.99 0.93
N PRO B 237 -18.53 13.01 0.41
CA PRO B 237 -17.68 12.73 -0.73
C PRO B 237 -16.31 12.07 -0.38
N SER B 238 -16.02 11.87 0.90
N SER B 238 -16.03 11.88 0.92
CA SER B 238 -14.80 11.14 1.32
CA SER B 238 -14.83 11.18 1.41
C SER B 238 -15.18 10.00 2.25
C SER B 238 -15.32 10.05 2.32
N PRO B 239 -15.91 9.02 1.71
CA PRO B 239 -16.41 7.89 2.55
C PRO B 239 -15.28 7.17 3.31
N ARG B 240 -15.59 6.72 4.54
CA ARG B 240 -14.68 5.87 5.29
C ARG B 240 -15.43 4.61 5.73
N GLU B 241 -14.93 3.43 5.43
CA GLU B 241 -15.56 2.22 5.92
C GLU B 241 -15.43 2.12 7.47
N MET B 242 -16.44 1.50 8.10
CA MET B 242 -16.35 1.31 9.60
C MET B 242 -15.77 -0.11 9.74
N ILE B 243 -14.44 -0.05 9.87
CA ILE B 243 -13.61 -1.30 9.98
C ILE B 243 -12.59 -1.06 11.07
N ASN B 244 -12.05 -2.21 11.59
CA ASN B 244 -10.96 -2.10 12.60
C ASN B 244 -11.24 -1.10 13.71
N ASN B 245 -12.54 -1.16 14.16
CA ASN B 245 -12.99 -0.30 15.20
C ASN B 245 -12.75 -0.88 16.61
N PHE B 246 -11.52 -1.17 16.91
CA PHE B 246 -11.15 -1.59 18.23
C PHE B 246 -9.93 -0.81 18.67
N ARG B 247 -9.79 -0.69 19.98
CA ARG B 247 -8.61 0.03 20.55
C ARG B 247 -7.53 -0.96 20.90
N GLN B 248 -6.25 -0.58 20.73
CA GLN B 248 -5.20 -1.44 21.24
C GLN B 248 -5.26 -1.66 22.74
N VAL B 249 -4.72 -2.80 23.19
CA VAL B 249 -4.72 -3.01 24.66
C VAL B 249 -3.82 -2.02 25.37
N GLN B 250 -4.13 -1.80 26.64
CA GLN B 250 -3.52 -0.75 27.46
C GLN B 250 -2.59 -1.30 28.54
N LYS B 251 -1.64 -0.46 29.00
CA LYS B 251 -0.80 -0.83 30.15
C LYS B 251 -1.73 -1.18 31.34
N PHE B 252 -1.28 -2.15 32.19
CA PHE B 252 -2.05 -2.48 33.32
C PHE B 252 -2.09 -1.49 34.45
N ASP B 253 -1.21 -0.50 34.54
CA ASP B 253 -0.98 0.29 35.77
C ASP B 253 -1.16 -0.38 37.17
N GLU B 254 -0.51 -1.54 37.40
CA GLU B 254 -0.60 -2.30 38.69
C GLU B 254 -1.96 -3.00 38.97
N ARG B 255 -2.96 -2.83 38.12
CA ARG B 255 -4.20 -3.53 38.29
C ARG B 255 -4.06 -5.10 38.28
N LEU B 256 -4.94 -5.80 38.99
CA LEU B 256 -5.14 -7.21 38.66
C LEU B 256 -6.54 -7.36 38.00
N VAL B 257 -6.71 -8.49 37.37
CA VAL B 257 -8.00 -8.95 36.83
C VAL B 257 -8.43 -10.14 37.69
N TYR B 258 -9.63 -10.05 38.30
CA TYR B 258 -10.15 -11.07 39.16
C TYR B 258 -10.94 -12.09 38.40
N THR B 259 -10.81 -13.35 38.71
CA THR B 259 -11.54 -14.38 37.92
C THR B 259 -12.54 -15.12 38.82
N SER B 260 -13.71 -15.53 38.31
CA SER B 260 -14.72 -16.35 39.05
C SER B 260 -14.41 -17.83 38.96
N PHE B 261 -13.38 -18.16 38.19
CA PHE B 261 -13.00 -19.54 37.94
C PHE B 261 -11.56 -19.68 38.46
N SER B 262 -11.30 -20.78 39.15
CA SER B 262 -9.97 -20.97 39.68
C SER B 262 -9.04 -21.65 38.71
N GLN B 263 -9.56 -22.54 37.85
CA GLN B 263 -8.75 -23.22 36.82
C GLN B 263 -9.62 -23.44 35.59
N LYS C 3 12.37 19.92 -14.50
CA LYS C 3 11.27 20.42 -15.36
C LYS C 3 10.24 19.29 -15.49
N TRP C 4 10.58 18.35 -16.38
CA TRP C 4 9.79 17.14 -16.66
C TRP C 4 10.16 15.99 -15.75
N THR C 5 9.21 15.07 -15.57
CA THR C 5 9.38 13.86 -14.75
C THR C 5 8.72 12.66 -15.42
N TYR C 6 8.85 11.50 -14.76
CA TYR C 6 8.00 10.33 -15.06
C TYR C 6 6.76 10.09 -14.15
N PHE C 7 6.31 11.06 -13.38
CA PHE C 7 5.20 10.80 -12.44
C PHE C 7 4.04 11.79 -12.22
N GLY C 8 4.28 12.87 -11.48
CA GLY C 8 3.25 13.82 -11.09
C GLY C 8 2.89 14.64 -12.33
N PRO C 9 2.17 15.75 -12.18
CA PRO C 9 1.66 16.58 -13.30
C PRO C 9 2.69 16.95 -14.35
N ASP C 10 3.95 16.64 -14.08
CA ASP C 10 5.01 16.91 -15.05
C ASP C 10 5.43 15.68 -15.85
N GLY C 11 4.61 14.60 -15.69
CA GLY C 11 4.81 13.23 -16.25
C GLY C 11 4.60 13.18 -17.77
N GLU C 12 4.77 11.99 -18.34
CA GLU C 12 4.83 11.85 -19.80
C GLU C 12 3.64 12.41 -20.57
N ASN C 13 2.40 12.36 -20.07
CA ASN C 13 1.30 12.83 -20.91
C ASN C 13 1.34 14.36 -21.03
N SER C 14 2.11 14.99 -20.14
N SER C 14 2.10 15.03 -20.16
CA SER C 14 2.24 16.45 -20.15
CA SER C 14 2.22 16.51 -20.25
C SER C 14 3.43 16.95 -20.96
C SER C 14 3.54 16.98 -20.83
N TRP C 15 4.39 16.08 -21.26
CA TRP C 15 5.60 16.49 -22.01
C TRP C 15 5.36 17.42 -23.18
N SER C 16 4.29 17.16 -23.92
CA SER C 16 4.07 17.79 -25.22
C SER C 16 3.75 19.29 -25.02
N LYS C 17 3.44 19.71 -23.80
N LYS C 17 3.51 19.70 -23.78
CA LYS C 17 3.21 21.16 -23.58
CA LYS C 17 3.18 21.14 -23.53
C LYS C 17 4.51 21.92 -23.95
C LYS C 17 4.40 22.03 -23.76
N LYS C 18 5.56 21.60 -23.25
CA LYS C 18 6.84 22.31 -23.46
C LYS C 18 7.65 21.70 -24.57
N TYR C 19 7.40 20.42 -24.93
CA TYR C 19 8.20 19.78 -25.93
C TYR C 19 7.27 19.26 -27.01
N PRO C 20 6.93 20.05 -28.02
CA PRO C 20 5.84 19.74 -28.92
C PRO C 20 6.11 18.42 -29.66
N SER C 21 7.34 18.03 -29.95
CA SER C 21 7.62 16.76 -30.62
C SER C 21 7.13 15.53 -29.89
N CYS C 22 6.92 15.65 -28.58
CA CYS C 22 6.37 14.53 -27.76
C CYS C 22 4.94 14.16 -28.15
N GLY C 23 4.20 14.99 -28.85
CA GLY C 23 2.83 14.68 -29.35
C GLY C 23 2.88 14.54 -30.84
N GLY C 24 4.08 14.48 -31.46
CA GLY C 24 4.12 14.46 -32.94
C GLY C 24 4.34 13.07 -33.51
N LEU C 25 4.89 12.97 -34.71
CA LEU C 25 4.98 11.66 -35.37
C LEU C 25 6.20 10.88 -34.85
N LEU C 26 6.23 9.60 -35.26
CA LEU C 26 7.39 8.68 -35.14
C LEU C 26 7.84 8.51 -33.70
N GLN C 27 6.90 8.57 -32.75
CA GLN C 27 7.32 8.39 -31.34
C GLN C 27 7.65 6.91 -30.91
N SER C 28 8.68 6.79 -30.05
CA SER C 28 9.16 5.50 -29.47
C SER C 28 8.94 5.64 -27.95
N PRO C 29 9.00 4.58 -27.24
CA PRO C 29 9.27 3.23 -27.72
C PRO C 29 7.93 2.59 -28.19
N ILE C 30 8.04 1.37 -28.68
CA ILE C 30 6.91 0.58 -29.25
C ILE C 30 7.01 -0.89 -28.84
N ASP C 31 5.86 -1.56 -29.02
CA ASP C 31 5.79 -3.06 -28.93
C ASP C 31 6.27 -3.69 -30.15
N LEU C 32 7.19 -4.66 -29.96
CA LEU C 32 7.70 -5.38 -31.06
C LEU C 32 7.00 -6.73 -31.11
N HIS C 33 6.21 -6.94 -32.13
CA HIS C 33 5.41 -8.15 -32.21
C HIS C 33 5.33 -8.69 -33.61
N SER C 34 4.99 -9.99 -33.74
CA SER C 34 5.11 -10.76 -34.95
C SER C 34 4.51 -10.15 -36.16
N ASP C 35 3.32 -9.59 -36.00
CA ASP C 35 2.54 -9.24 -37.17
C ASP C 35 3.05 -7.97 -37.84
N ILE C 36 3.95 -7.25 -37.18
CA ILE C 36 4.53 -6.06 -37.82
C ILE C 36 6.00 -6.21 -38.20
N LEU C 37 6.53 -7.42 -38.11
CA LEU C 37 7.93 -7.68 -38.41
C LEU C 37 8.12 -8.10 -39.85
N GLN C 38 9.18 -7.54 -40.46
CA GLN C 38 9.49 -7.93 -41.82
C GLN C 38 10.97 -8.10 -41.98
N TYR C 39 11.43 -9.31 -42.39
CA TYR C 39 12.86 -9.43 -42.74
C TYR C 39 13.34 -8.44 -43.79
N ASP C 40 14.55 -7.89 -43.60
CA ASP C 40 15.10 -6.85 -44.52
C ASP C 40 16.56 -7.25 -44.75
N ALA C 41 16.90 -7.65 -45.99
CA ALA C 41 18.28 -8.03 -46.33
C ALA C 41 19.34 -6.94 -46.20
N SER C 42 18.95 -5.69 -46.10
CA SER C 42 19.95 -4.65 -45.96
C SER C 42 20.51 -4.57 -44.53
N LEU C 43 19.89 -5.36 -43.61
CA LEU C 43 20.25 -5.20 -42.20
C LEU C 43 21.45 -6.08 -41.84
N THR C 44 22.62 -5.67 -42.34
CA THR C 44 23.85 -6.44 -42.16
C THR C 44 24.41 -6.21 -40.73
N PRO C 45 25.41 -7.00 -40.32
CA PRO C 45 26.02 -6.77 -38.98
C PRO C 45 26.68 -5.42 -38.80
N LEU C 46 26.39 -4.79 -37.68
CA LEU C 46 27.04 -3.55 -37.33
C LEU C 46 28.42 -3.84 -36.75
N GLU C 47 29.35 -2.92 -36.98
CA GLU C 47 30.63 -3.00 -36.34
C GLU C 47 30.74 -1.91 -35.32
N PHE C 48 31.27 -2.27 -34.15
CA PHE C 48 31.43 -1.34 -33.03
C PHE C 48 32.89 -0.91 -32.89
N GLN C 49 33.16 0.37 -33.08
CA GLN C 49 34.56 0.82 -33.18
C GLN C 49 34.94 1.77 -32.10
N GLY C 50 36.13 1.55 -31.53
CA GLY C 50 36.55 2.37 -30.41
C GLY C 50 35.72 2.20 -29.14
N TYR C 51 35.10 1.05 -28.97
CA TYR C 51 34.27 0.84 -27.76
C TYR C 51 35.13 0.40 -26.62
N ASN C 52 36.34 -0.09 -26.95
CA ASN C 52 37.17 -0.61 -25.88
C ASN C 52 37.93 0.54 -25.19
N LEU C 53 37.35 1.10 -24.13
CA LEU C 53 37.89 2.33 -23.53
C LEU C 53 38.89 1.95 -22.43
N SER C 54 40.05 2.61 -22.45
CA SER C 54 41.14 2.29 -21.54
C SER C 54 40.77 2.39 -20.03
N ALA C 55 41.21 1.36 -19.29
CA ALA C 55 41.10 1.32 -17.81
C ALA C 55 41.67 2.60 -17.13
N ASN C 56 42.65 3.23 -17.76
CA ASN C 56 43.21 4.43 -17.14
C ASN C 56 42.55 5.76 -17.56
N LYS C 57 41.63 5.67 -18.55
CA LYS C 57 40.76 6.80 -18.96
C LYS C 57 39.57 6.84 -17.99
N GLN C 58 38.95 8.01 -17.83
CA GLN C 58 37.74 8.05 -17.04
C GLN C 58 36.64 8.85 -17.75
N PHE C 59 35.38 8.45 -17.43
CA PHE C 59 34.14 8.96 -18.05
C PHE C 59 33.13 9.48 -17.05
N LEU C 60 32.56 10.68 -17.28
CA LEU C 60 31.67 11.30 -16.31
C LEU C 60 30.30 10.57 -16.20
N LEU C 61 29.91 10.24 -14.98
CA LEU C 61 28.62 9.63 -14.66
C LEU C 61 27.80 10.72 -14.02
N THR C 62 26.57 10.92 -14.45
CA THR C 62 25.79 12.10 -13.98
C THR C 62 24.42 11.59 -13.65
N ASN C 63 23.94 11.91 -12.45
CA ASN C 63 22.54 11.77 -12.20
C ASN C 63 21.91 13.08 -12.64
N ASN C 64 21.17 13.05 -13.75
CA ASN C 64 20.55 14.28 -14.20
C ASN C 64 19.18 14.45 -13.61
N GLY C 65 18.82 13.53 -12.70
CA GLY C 65 17.51 13.59 -12.08
C GLY C 65 16.46 12.86 -12.87
N HIS C 66 16.84 12.31 -14.05
CA HIS C 66 15.96 11.53 -14.90
C HIS C 66 16.41 10.11 -15.09
N SER C 67 17.71 9.93 -15.26
CA SER C 67 18.34 8.64 -15.40
C SER C 67 19.76 8.88 -14.92
N VAL C 68 20.60 7.87 -15.03
CA VAL C 68 22.01 8.00 -14.76
C VAL C 68 22.65 7.84 -16.13
N LYS C 69 23.55 8.76 -16.49
CA LYS C 69 24.15 8.69 -17.84
C LYS C 69 25.65 8.66 -17.69
N LEU C 70 26.30 7.89 -18.54
CA LEU C 70 27.74 7.90 -18.71
C LEU C 70 28.12 8.65 -19.99
N ASN C 71 28.95 9.70 -19.89
CA ASN C 71 29.49 10.33 -21.10
C ASN C 71 30.43 9.39 -21.87
N LEU C 72 30.36 9.37 -23.21
CA LEU C 72 31.17 8.46 -24.02
C LEU C 72 31.93 9.32 -25.06
N PRO C 73 33.14 8.89 -25.47
CA PRO C 73 33.96 9.83 -26.28
C PRO C 73 33.60 9.76 -27.77
N SER C 74 33.78 10.86 -28.51
CA SER C 74 33.30 10.94 -29.88
C SER C 74 34.08 10.09 -30.91
N ASP C 75 35.29 9.65 -30.58
CA ASP C 75 35.98 8.72 -31.51
C ASP C 75 35.39 7.30 -31.37
N MET C 76 34.49 7.10 -30.43
CA MET C 76 33.73 5.83 -30.38
C MET C 76 32.53 5.89 -31.38
N HIS C 77 32.33 4.85 -32.17
CA HIS C 77 31.38 4.96 -33.32
C HIS C 77 30.82 3.66 -33.89
N ILE C 78 29.62 3.76 -34.48
CA ILE C 78 29.11 2.66 -35.26
C ILE C 78 29.47 2.74 -36.76
N GLN C 79 29.93 1.61 -37.27
CA GLN C 79 30.28 1.40 -38.64
C GLN C 79 29.22 0.45 -39.21
N GLY C 80 28.67 0.76 -40.39
CA GLY C 80 27.70 -0.14 -41.04
C GLY C 80 26.40 0.52 -41.41
N LEU C 81 26.21 1.76 -40.95
CA LEU C 81 25.01 2.50 -41.28
C LEU C 81 25.32 3.49 -42.43
N GLN C 82 24.34 4.26 -42.88
CA GLN C 82 24.53 5.13 -44.07
C GLN C 82 25.47 6.27 -43.82
N SER C 83 25.68 6.62 -42.55
CA SER C 83 26.58 7.67 -42.14
C SER C 83 27.27 7.09 -40.92
N ARG C 84 28.50 7.51 -40.59
N ARG C 84 28.40 7.71 -40.54
CA ARG C 84 29.02 7.06 -39.28
CA ARG C 84 29.01 7.49 -39.22
C ARG C 84 28.22 7.82 -38.21
C ARG C 84 28.23 8.01 -38.03
N TYR C 85 27.91 7.13 -37.09
CA TYR C 85 27.31 7.68 -35.89
C TYR C 85 28.30 7.52 -34.74
N SER C 86 28.67 8.64 -34.13
CA SER C 86 29.59 8.70 -33.02
C SER C 86 28.88 8.73 -31.66
N ALA C 87 29.46 8.01 -30.71
CA ALA C 87 28.92 7.99 -29.30
C ALA C 87 28.87 9.34 -28.61
N THR C 88 27.80 9.51 -27.81
CA THR C 88 27.70 10.63 -26.90
C THR C 88 27.49 10.23 -25.44
N GLN C 89 26.64 9.22 -25.16
CA GLN C 89 26.40 8.86 -23.72
C GLN C 89 25.63 7.57 -23.77
N LEU C 90 25.62 6.87 -22.64
CA LEU C 90 24.74 5.70 -22.50
C LEU C 90 23.97 5.93 -21.18
N HIS C 91 22.78 5.32 -21.09
CA HIS C 91 21.95 5.41 -19.85
C HIS C 91 21.04 4.16 -19.81
N LEU C 92 20.21 4.05 -18.73
CA LEU C 92 19.32 2.91 -18.48
C LEU C 92 17.99 3.38 -18.10
N HIS C 93 17.06 2.43 -18.25
CA HIS C 93 15.62 2.58 -17.84
C HIS C 93 15.28 1.31 -17.09
N TRP C 94 14.53 1.53 -15.99
CA TRP C 94 14.10 0.45 -15.11
C TRP C 94 12.78 0.72 -14.47
N GLY C 95 12.31 -0.33 -13.76
CA GLY C 95 11.06 -0.27 -13.04
C GLY C 95 11.23 0.00 -11.55
N ASN C 96 10.66 -0.90 -10.75
CA ASN C 96 10.68 -0.68 -9.23
C ASN C 96 10.64 -2.08 -8.62
N PRO C 97 11.08 -2.24 -7.34
CA PRO C 97 11.09 -3.58 -6.76
C PRO C 97 9.74 -4.29 -6.75
N ASN C 98 8.66 -3.49 -6.68
CA ASN C 98 7.32 -4.12 -6.65
C ASN C 98 6.84 -4.56 -8.02
N ASP C 99 7.44 -4.01 -9.08
CA ASP C 99 7.03 -4.37 -10.46
C ASP C 99 8.32 -4.17 -11.32
N PRO C 100 9.18 -5.19 -11.33
CA PRO C 100 10.55 -5.02 -11.83
C PRO C 100 10.59 -5.30 -13.32
N HIS C 101 9.83 -4.48 -14.04
CA HIS C 101 9.63 -4.68 -15.52
C HIS C 101 9.61 -3.34 -16.18
N GLY C 102 10.79 -2.74 -16.36
CA GLY C 102 10.84 -1.33 -16.76
C GLY C 102 11.62 -1.06 -18.03
N SER C 103 11.69 -2.06 -18.91
CA SER C 103 12.15 -1.77 -20.30
C SER C 103 11.23 -0.77 -20.99
N GLU C 104 11.76 -0.08 -22.01
CA GLU C 104 10.95 0.84 -22.76
C GLU C 104 10.30 0.12 -23.94
N HIS C 105 11.06 -0.57 -24.80
CA HIS C 105 10.42 -1.49 -25.77
C HIS C 105 9.90 -2.77 -25.12
N THR C 106 8.80 -3.24 -25.66
CA THR C 106 8.28 -4.52 -25.21
C THR C 106 8.37 -5.50 -26.39
N VAL C 107 8.29 -6.84 -26.07
CA VAL C 107 8.29 -7.85 -27.07
C VAL C 107 7.03 -8.72 -26.87
N SER C 108 6.16 -8.70 -27.87
CA SER C 108 4.88 -9.44 -27.80
C SER C 108 4.15 -9.02 -26.49
N GLY C 109 4.13 -7.70 -26.24
CA GLY C 109 3.42 -7.13 -25.12
C GLY C 109 4.13 -7.17 -23.80
N GLN C 110 5.26 -7.84 -23.73
CA GLN C 110 5.95 -8.00 -22.46
C GLN C 110 7.17 -7.07 -22.24
N HIS C 111 7.24 -6.48 -21.05
CA HIS C 111 8.42 -5.73 -20.66
C HIS C 111 9.48 -6.63 -20.22
N PHE C 112 10.71 -6.19 -20.49
CA PHE C 112 11.87 -6.81 -19.89
C PHE C 112 12.17 -6.12 -18.57
N ALA C 113 13.10 -6.63 -17.74
CA ALA C 113 13.46 -5.90 -16.52
C ALA C 113 13.89 -4.46 -16.61
N ALA C 114 14.72 -4.18 -17.64
CA ALA C 114 15.40 -2.90 -17.75
C ALA C 114 15.87 -2.85 -19.22
N GLU C 115 16.42 -1.68 -19.62
CA GLU C 115 16.87 -1.50 -20.98
C GLU C 115 18.03 -0.54 -20.87
N LEU C 116 19.11 -0.84 -21.60
CA LEU C 116 20.23 0.07 -21.67
C LEU C 116 20.29 0.68 -23.12
N HIS C 117 20.50 2.01 -23.21
CA HIS C 117 20.60 2.66 -24.51
C HIS C 117 22.00 3.26 -24.63
N ILE C 118 22.55 3.02 -25.80
CA ILE C 118 23.84 3.72 -26.25
C ILE C 118 23.57 4.72 -27.35
N VAL C 119 23.64 6.02 -27.01
CA VAL C 119 23.14 7.18 -27.84
C VAL C 119 24.28 7.67 -28.71
N HIS C 120 24.07 7.69 -30.05
CA HIS C 120 25.12 8.19 -31.00
C HIS C 120 24.52 9.29 -31.82
N TYR C 121 25.40 10.14 -32.41
CA TYR C 121 24.96 11.25 -33.24
C TYR C 121 25.62 11.16 -34.62
N ASN C 122 25.01 11.78 -35.61
CA ASN C 122 25.52 11.55 -36.99
C ASN C 122 26.62 12.58 -37.17
N SER C 123 27.84 12.15 -37.07
CA SER C 123 28.96 13.13 -37.00
C SER C 123 29.42 13.48 -38.42
N ASP C 124 28.89 12.79 -39.43
CA ASP C 124 29.19 13.13 -40.87
C ASP C 124 28.43 14.41 -41.22
N LEU C 125 27.24 14.56 -40.65
CA LEU C 125 26.41 15.73 -40.91
C LEU C 125 26.55 16.86 -39.86
N TYR C 126 26.83 16.51 -38.59
CA TYR C 126 26.69 17.48 -37.51
C TYR C 126 27.88 17.46 -36.57
N PRO C 127 28.17 18.65 -35.95
CA PRO C 127 29.39 18.76 -35.18
C PRO C 127 29.31 18.15 -33.80
N ASP C 128 28.10 17.99 -33.25
CA ASP C 128 28.02 17.36 -31.94
C ASP C 128 26.61 16.79 -31.77
N ALA C 129 26.39 16.12 -30.64
CA ALA C 129 25.08 15.50 -30.38
C ALA C 129 23.91 16.47 -30.19
N SER C 130 24.14 17.55 -29.48
N SER C 130 24.16 17.55 -29.46
CA SER C 130 23.13 18.58 -29.30
CA SER C 130 23.20 18.62 -29.24
C SER C 130 22.61 19.19 -30.59
C SER C 130 22.63 19.18 -30.56
N THR C 131 23.54 19.61 -31.45
CA THR C 131 23.19 20.13 -32.76
C THR C 131 22.46 19.06 -33.57
N ALA C 132 22.96 17.83 -33.51
CA ALA C 132 22.30 16.74 -34.32
C ALA C 132 20.88 16.43 -33.83
N SER C 133 20.65 16.63 -32.54
CA SER C 133 19.47 15.93 -31.93
C SER C 133 18.10 16.34 -32.49
N ASN C 134 17.98 17.53 -33.08
CA ASN C 134 16.71 17.94 -33.62
C ASN C 134 16.74 18.03 -35.16
N LYS C 135 17.71 17.38 -35.73
CA LYS C 135 17.91 17.43 -37.18
C LYS C 135 17.80 16.08 -37.86
N SER C 136 17.51 16.16 -39.15
CA SER C 136 17.29 15.03 -39.97
C SER C 136 18.42 14.02 -39.82
N GLU C 137 18.05 12.74 -39.61
CA GLU C 137 19.07 11.66 -39.52
C GLU C 137 20.11 11.90 -38.43
N GLY C 138 19.69 12.61 -37.39
CA GLY C 138 20.62 13.15 -36.42
C GLY C 138 21.16 12.12 -35.45
N LEU C 139 20.36 11.09 -35.05
CA LEU C 139 20.77 10.20 -33.95
C LEU C 139 20.59 8.71 -34.29
N ALA C 140 21.31 7.82 -33.62
CA ALA C 140 21.08 6.36 -33.75
C ALA C 140 21.24 5.83 -32.34
N VAL C 141 20.30 5.03 -31.81
CA VAL C 141 20.50 4.55 -30.45
C VAL C 141 20.52 3.01 -30.57
N LEU C 142 21.38 2.37 -29.76
CA LEU C 142 21.41 0.88 -29.69
C LEU C 142 20.74 0.53 -28.40
N ALA C 143 19.80 -0.39 -28.44
CA ALA C 143 19.01 -0.81 -27.23
C ALA C 143 19.26 -2.23 -26.92
N VAL C 144 19.60 -2.48 -25.64
CA VAL C 144 19.81 -3.87 -25.14
C VAL C 144 18.71 -4.11 -24.05
N LEU C 145 18.02 -5.24 -24.22
CA LEU C 145 16.96 -5.64 -23.28
C LEU C 145 17.68 -6.39 -22.19
N ILE C 146 17.27 -6.08 -20.96
CA ILE C 146 17.89 -6.69 -19.74
C ILE C 146 16.84 -7.57 -19.02
N GLU C 147 17.22 -8.81 -18.77
CA GLU C 147 16.41 -9.66 -17.90
C GLU C 147 17.21 -10.20 -16.70
N MET C 148 16.51 -10.73 -15.70
CA MET C 148 17.16 -11.32 -14.54
C MET C 148 17.75 -12.71 -14.86
N GLY C 149 18.99 -12.95 -14.40
CA GLY C 149 19.68 -14.22 -14.55
C GLY C 149 21.00 -14.15 -13.77
N SER C 150 22.10 -14.55 -14.41
CA SER C 150 23.44 -14.56 -13.79
C SER C 150 24.02 -13.19 -13.58
N PHE C 151 24.81 -13.05 -12.50
CA PHE C 151 25.61 -11.83 -12.21
C PHE C 151 26.37 -11.39 -13.45
N ASN C 152 26.48 -10.09 -13.67
CA ASN C 152 27.14 -9.57 -14.87
C ASN C 152 28.23 -8.59 -14.50
N PRO C 153 29.51 -9.01 -14.60
CA PRO C 153 30.71 -8.20 -14.28
C PRO C 153 30.75 -6.87 -15.00
N SER C 154 30.36 -6.91 -16.29
CA SER C 154 30.49 -5.74 -17.13
C SER C 154 29.47 -4.73 -16.69
N TYR C 155 28.19 -5.13 -16.46
CA TYR C 155 27.26 -4.15 -15.94
C TYR C 155 27.69 -3.59 -14.60
N ASP C 156 28.37 -4.45 -13.85
CA ASP C 156 28.89 -3.99 -12.56
C ASP C 156 29.92 -2.87 -12.59
N LYS C 157 30.49 -2.64 -13.79
CA LYS C 157 31.47 -1.57 -13.98
C LYS C 157 30.75 -0.23 -13.87
N ILE C 158 29.44 -0.24 -14.16
CA ILE C 158 28.66 0.99 -13.98
C ILE C 158 28.07 0.95 -12.59
N PHE C 159 27.49 -0.21 -12.23
CA PHE C 159 26.56 -0.32 -11.09
C PHE C 159 27.25 0.02 -9.74
N SER C 160 28.55 -0.21 -9.70
CA SER C 160 29.35 -0.08 -8.51
C SER C 160 29.74 1.37 -8.25
N HIS C 161 29.31 2.27 -9.12
CA HIS C 161 29.47 3.66 -8.88
C HIS C 161 28.24 4.41 -8.54
N LEU C 162 27.08 3.74 -8.55
CA LEU C 162 25.80 4.42 -8.33
C LEU C 162 25.63 5.21 -7.01
N GLN C 163 26.25 4.73 -5.93
CA GLN C 163 26.10 5.44 -4.64
C GLN C 163 26.80 6.81 -4.60
N HIS C 164 27.69 7.07 -5.60
CA HIS C 164 28.34 8.38 -5.78
C HIS C 164 27.51 9.47 -6.41
N VAL C 165 26.41 9.06 -7.05
CA VAL C 165 25.52 10.01 -7.72
C VAL C 165 24.07 9.84 -7.32
N LYS C 166 23.83 9.62 -6.03
N LYS C 166 23.84 9.63 -6.03
CA LYS C 166 22.48 9.36 -5.55
CA LYS C 166 22.50 9.36 -5.54
C LYS C 166 21.48 10.49 -5.73
C LYS C 166 21.49 10.49 -5.72
N TYR C 167 21.96 11.72 -5.82
CA TYR C 167 21.05 12.85 -5.92
C TYR C 167 21.16 13.54 -7.27
N LYS C 168 20.06 14.20 -7.67
CA LYS C 168 20.03 14.99 -8.88
C LYS C 168 21.13 16.04 -8.88
N GLY C 169 21.83 16.13 -10.02
CA GLY C 169 22.96 17.04 -10.19
C GLY C 169 24.31 16.45 -9.86
N GLN C 170 24.34 15.34 -9.14
CA GLN C 170 25.65 14.81 -8.74
C GLN C 170 26.37 14.13 -9.85
N GLU C 171 27.70 14.15 -9.80
CA GLU C 171 28.57 13.58 -10.85
C GLU C 171 29.71 12.79 -10.19
N ALA C 172 30.21 11.80 -10.87
CA ALA C 172 31.36 11.04 -10.45
C ALA C 172 32.08 10.57 -11.69
N PHE C 173 33.21 9.94 -11.51
CA PHE C 173 33.90 9.35 -12.63
C PHE C 173 33.86 7.83 -12.46
N VAL C 174 33.79 7.14 -13.55
CA VAL C 174 33.85 5.70 -13.60
C VAL C 174 35.01 5.39 -14.52
N PRO C 175 35.91 4.47 -14.14
CA PRO C 175 37.05 4.19 -15.05
C PRO C 175 36.53 3.64 -16.38
N GLY C 176 37.34 3.70 -17.43
CA GLY C 176 36.93 3.14 -18.71
C GLY C 176 36.94 1.62 -18.71
N PHE C 177 36.21 1.03 -19.65
CA PHE C 177 36.15 -0.41 -19.89
C PHE C 177 35.63 -0.63 -21.33
N ASN C 178 35.68 -1.87 -21.82
CA ASN C 178 35.10 -2.20 -23.09
C ASN C 178 33.54 -2.16 -23.09
N ILE C 179 32.99 -1.15 -23.76
CA ILE C 179 31.55 -0.96 -23.80
C ILE C 179 30.82 -2.07 -24.56
N GLU C 180 31.53 -2.68 -25.49
CA GLU C 180 31.03 -3.88 -26.19
C GLU C 180 30.62 -5.00 -25.24
N GLU C 181 31.18 -5.03 -24.03
CA GLU C 181 30.79 -6.05 -23.08
C GLU C 181 29.30 -5.94 -22.67
N LEU C 182 28.72 -4.73 -22.77
CA LEU C 182 27.33 -4.46 -22.41
C LEU C 182 26.35 -5.10 -23.45
N LEU C 183 26.82 -5.42 -24.64
CA LEU C 183 25.97 -5.86 -25.74
C LEU C 183 25.72 -7.38 -25.61
N PRO C 184 24.57 -7.87 -26.14
CA PRO C 184 24.20 -9.26 -25.97
C PRO C 184 24.92 -10.19 -26.93
N GLU C 185 24.67 -11.50 -26.78
CA GLU C 185 25.10 -12.47 -27.79
C GLU C 185 24.42 -12.17 -29.13
N ARG C 186 25.15 -12.52 -30.19
CA ARG C 186 24.68 -12.41 -31.56
C ARG C 186 24.11 -11.02 -31.96
N THR C 187 24.95 -9.99 -31.84
CA THR C 187 24.49 -8.65 -32.11
C THR C 187 24.01 -8.55 -33.60
N ALA C 188 24.26 -9.59 -34.43
CA ALA C 188 23.78 -9.56 -35.86
C ALA C 188 22.21 -9.66 -35.98
N GLU C 189 21.55 -10.11 -34.90
CA GLU C 189 20.10 -10.26 -34.88
C GLU C 189 19.54 -9.06 -34.17
N TYR C 190 18.77 -8.26 -34.92
CA TYR C 190 18.20 -7.06 -34.33
C TYR C 190 16.96 -6.61 -35.06
N TYR C 191 16.17 -5.74 -34.39
CA TYR C 191 15.05 -5.08 -34.91
C TYR C 191 15.51 -3.69 -35.28
N ARG C 192 14.93 -3.17 -36.36
CA ARG C 192 15.26 -1.77 -36.80
C ARG C 192 14.00 -1.03 -37.11
N TYR C 193 13.93 0.23 -36.65
CA TYR C 193 12.82 1.13 -37.11
C TYR C 193 13.24 2.58 -36.96
N ARG C 194 12.56 3.53 -37.63
CA ARG C 194 12.76 5.00 -37.46
C ARG C 194 11.82 5.50 -36.35
N GLY C 195 12.40 6.11 -35.32
CA GLY C 195 11.62 6.58 -34.17
C GLY C 195 12.08 7.87 -33.60
N SER C 196 11.99 7.93 -32.25
CA SER C 196 12.19 9.25 -31.65
C SER C 196 12.99 9.03 -30.35
N LEU C 197 13.50 10.15 -29.81
CA LEU C 197 13.96 10.20 -28.41
C LEU C 197 12.78 9.70 -27.56
N THR C 198 13.06 8.92 -26.49
CA THR C 198 11.98 8.56 -25.59
C THR C 198 11.80 9.49 -24.36
N THR C 199 12.67 10.50 -24.26
CA THR C 199 12.49 11.61 -23.36
C THR C 199 12.43 12.88 -24.13
N PRO C 200 11.97 13.95 -23.47
CA PRO C 200 11.95 15.30 -24.07
C PRO C 200 13.36 15.59 -24.59
N PRO C 201 13.45 16.22 -25.77
CA PRO C 201 12.37 16.84 -26.52
C PRO C 201 11.63 15.94 -27.49
N CYS C 202 11.88 14.61 -27.38
CA CYS C 202 11.16 13.59 -28.17
C CYS C 202 11.38 13.75 -29.66
N ASN C 203 12.54 14.26 -30.09
CA ASN C 203 12.69 14.51 -31.50
C ASN C 203 12.58 13.24 -32.33
N PRO C 204 11.91 13.31 -33.47
CA PRO C 204 11.68 12.08 -34.31
C PRO C 204 12.88 11.87 -35.26
N THR C 205 14.06 11.77 -34.65
CA THR C 205 15.31 11.81 -35.37
C THR C 205 16.22 10.60 -35.09
N VAL C 206 15.64 9.57 -34.48
CA VAL C 206 16.38 8.43 -34.03
C VAL C 206 16.21 7.17 -34.90
N LEU C 207 17.35 6.64 -35.43
CA LEU C 207 17.34 5.28 -36.03
C LEU C 207 17.58 4.28 -34.92
N TRP C 208 16.53 3.46 -34.62
CA TRP C 208 16.61 2.49 -33.51
C TRP C 208 17.09 1.13 -33.92
N THR C 209 18.01 0.58 -33.16
CA THR C 209 18.42 -0.83 -33.30
C THR C 209 18.21 -1.46 -31.97
N VAL C 210 17.24 -2.39 -31.86
CA VAL C 210 17.00 -3.11 -30.60
C VAL C 210 17.50 -4.52 -30.83
N PHE C 211 18.45 -4.93 -30.03
CA PHE C 211 19.00 -6.26 -30.28
C PHE C 211 17.97 -7.36 -29.94
N ARG C 212 17.92 -8.42 -30.74
CA ARG C 212 16.92 -9.49 -30.51
C ARG C 212 17.08 -10.19 -29.13
N ASN C 213 18.33 -10.46 -28.77
CA ASN C 213 18.64 -11.23 -27.53
C ASN C 213 18.95 -10.34 -26.37
N PRO C 214 18.33 -10.65 -25.22
CA PRO C 214 18.55 -9.93 -24.01
C PRO C 214 19.91 -10.24 -23.35
N VAL C 215 20.39 -9.30 -22.52
CA VAL C 215 21.42 -9.71 -21.51
C VAL C 215 20.80 -10.07 -20.18
N GLN C 216 21.60 -10.71 -19.33
CA GLN C 216 21.25 -10.97 -17.93
C GLN C 216 22.06 -10.20 -16.91
N ILE C 217 21.34 -9.75 -15.88
CA ILE C 217 21.90 -9.20 -14.67
C ILE C 217 21.26 -9.95 -13.45
N SER C 218 21.95 -9.99 -12.29
CA SER C 218 21.43 -10.88 -11.22
C SER C 218 20.28 -10.12 -10.56
N GLN C 219 19.45 -10.82 -9.78
CA GLN C 219 18.49 -10.13 -8.88
C GLN C 219 19.12 -9.00 -8.05
N GLU C 220 20.29 -9.30 -7.48
CA GLU C 220 20.96 -8.29 -6.67
C GLU C 220 21.32 -7.11 -7.53
N GLN C 221 21.85 -7.35 -8.75
CA GLN C 221 22.19 -6.18 -9.61
C GLN C 221 20.96 -5.36 -9.93
N LEU C 222 19.85 -6.03 -10.26
CA LEU C 222 18.61 -5.28 -10.58
C LEU C 222 18.09 -4.47 -9.42
N LEU C 223 18.03 -5.12 -8.24
CA LEU C 223 17.61 -4.42 -7.02
C LEU C 223 18.43 -3.18 -6.70
N ALA C 224 19.73 -3.34 -6.83
CA ALA C 224 20.72 -2.30 -6.58
C ALA C 224 20.38 -1.10 -7.46
N LEU C 225 20.17 -1.39 -8.74
CA LEU C 225 19.90 -0.37 -9.77
C LEU C 225 18.57 0.32 -9.45
N GLU C 226 17.54 -0.47 -9.17
CA GLU C 226 16.23 0.13 -8.76
C GLU C 226 16.19 0.96 -7.47
N THR C 227 17.15 0.72 -6.56
CA THR C 227 17.14 1.35 -5.24
C THR C 227 18.24 2.41 -4.94
N ALA C 228 19.21 2.58 -5.84
CA ALA C 228 20.36 3.42 -5.59
C ALA C 228 20.07 4.89 -5.73
N LEU C 229 19.11 5.30 -6.57
CA LEU C 229 19.08 6.73 -6.94
C LEU C 229 17.87 7.49 -6.60
N TYR C 230 18.07 8.76 -6.32
CA TYR C 230 16.98 9.68 -6.18
C TYR C 230 16.97 10.60 -7.39
N CYS C 231 15.80 11.15 -7.66
CA CYS C 231 15.62 12.04 -8.77
C CYS C 231 15.94 13.43 -8.36
N THR C 232 15.83 13.66 -7.05
CA THR C 232 15.81 14.99 -6.42
C THR C 232 17.16 15.35 -5.85
N HIS C 233 17.31 16.66 -5.53
CA HIS C 233 18.59 17.25 -5.08
C HIS C 233 18.91 16.90 -3.67
N MET C 234 20.21 17.00 -3.36
CA MET C 234 20.90 16.47 -2.14
C MET C 234 20.22 16.48 -0.77
N ASP C 235 19.60 17.61 -0.46
CA ASP C 235 18.98 17.79 0.84
C ASP C 235 17.60 18.41 0.63
N ASP C 236 17.03 18.19 -0.56
CA ASP C 236 15.59 18.32 -0.78
C ASP C 236 14.90 17.51 0.33
N PRO C 237 14.04 18.19 1.12
CA PRO C 237 13.35 17.53 2.24
C PRO C 237 12.28 16.51 1.80
N SER C 238 12.05 16.38 0.49
CA SER C 238 11.06 15.43 -0.04
C SER C 238 11.71 14.56 -1.09
N PRO C 239 12.57 13.63 -0.66
CA PRO C 239 13.34 12.86 -1.65
C PRO C 239 12.46 11.89 -2.39
N ARG C 240 12.63 11.82 -3.68
CA ARG C 240 11.90 10.83 -4.42
C ARG C 240 12.87 9.91 -5.12
N GLU C 241 12.60 8.62 -5.01
CA GLU C 241 13.40 7.61 -5.67
C GLU C 241 13.29 7.72 -7.20
N MET C 242 14.40 7.38 -7.84
CA MET C 242 14.47 7.32 -9.28
C MET C 242 14.08 5.87 -9.66
N ILE C 243 12.78 5.77 -9.93
CA ILE C 243 12.16 4.52 -10.32
C ILE C 243 11.24 4.68 -11.54
N ASN C 244 10.97 3.57 -12.22
CA ASN C 244 9.93 3.59 -13.31
C ASN C 244 10.24 4.66 -14.35
N ASN C 245 11.53 4.81 -14.65
CA ASN C 245 11.88 5.90 -15.58
C ASN C 245 11.89 5.49 -17.04
N PHE C 246 10.75 5.02 -17.47
CA PHE C 246 10.62 4.48 -18.84
C PHE C 246 9.37 5.13 -19.33
N ARG C 247 9.32 5.37 -20.66
CA ARG C 247 8.06 5.85 -21.30
C ARG C 247 7.14 4.68 -21.69
N GLN C 248 5.81 4.89 -21.59
CA GLN C 248 4.87 3.84 -22.00
C GLN C 248 4.99 3.66 -23.51
N VAL C 249 4.75 2.46 -24.02
CA VAL C 249 4.73 2.27 -25.51
C VAL C 249 3.73 3.19 -26.23
N GLN C 250 4.10 3.52 -27.46
CA GLN C 250 3.34 4.48 -28.34
C GLN C 250 2.56 3.70 -29.34
N LYS C 251 1.43 4.24 -29.79
CA LYS C 251 0.82 3.63 -31.01
C LYS C 251 1.78 3.70 -32.20
N PHE C 252 1.66 2.67 -33.06
CA PHE C 252 2.55 2.44 -34.18
C PHE C 252 1.70 1.71 -35.17
N ASP C 253 1.07 2.49 -35.98
CA ASP C 253 0.02 2.00 -36.86
C ASP C 253 0.38 2.02 -38.34
N GLU C 254 0.07 0.93 -39.04
CA GLU C 254 0.36 0.83 -40.45
C GLU C 254 1.85 1.07 -40.71
N ARG C 255 2.65 0.63 -39.76
CA ARG C 255 4.11 0.63 -39.97
C ARG C 255 4.72 -0.72 -39.71
N LEU C 256 5.96 -0.90 -40.23
CA LEU C 256 6.71 -2.14 -39.98
C LEU C 256 7.96 -1.92 -39.06
N VAL C 257 8.38 -3.02 -38.43
CA VAL C 257 9.69 -3.06 -37.79
C VAL C 257 10.47 -4.07 -38.62
N TYR C 258 11.62 -3.65 -39.10
CA TYR C 258 12.40 -4.53 -39.99
C TYR C 258 13.34 -5.39 -39.18
N THR C 259 13.53 -6.65 -39.57
CA THR C 259 14.36 -7.49 -38.79
C THR C 259 15.56 -8.05 -39.61
N SER C 260 16.68 -8.27 -38.94
CA SER C 260 17.88 -8.73 -39.66
C SER C 260 17.85 -10.21 -39.68
N PHE C 261 16.83 -10.76 -39.06
CA PHE C 261 16.70 -12.19 -38.92
C PHE C 261 15.45 -12.61 -39.57
N SER C 262 15.47 -13.80 -40.15
CA SER C 262 14.21 -14.35 -40.62
C SER C 262 13.61 -15.21 -39.54
N GLN C 263 14.43 -16.14 -39.11
CA GLN C 263 14.01 -17.14 -38.17
C GLN C 263 14.40 -16.72 -36.75
N LYS D 3 -11.99 19.06 -30.24
CA LYS D 3 -11.32 18.60 -31.49
C LYS D 3 -10.28 17.54 -31.14
N TRP D 4 -10.23 17.09 -29.86
CA TRP D 4 -9.25 16.03 -29.51
C TRP D 4 -9.54 14.79 -30.32
N THR D 5 -8.52 13.95 -30.57
CA THR D 5 -8.67 12.74 -31.40
C THR D 5 -7.81 11.64 -30.79
N TYR D 6 -7.79 10.45 -31.46
CA TYR D 6 -6.83 9.37 -31.13
C TYR D 6 -5.63 9.24 -32.06
N PHE D 7 -5.45 10.20 -32.98
CA PHE D 7 -4.46 10.06 -34.08
C PHE D 7 -4.07 11.42 -34.56
N GLY D 8 -2.74 11.63 -34.53
CA GLY D 8 -2.16 12.84 -35.14
C GLY D 8 -1.90 13.86 -34.09
N PRO D 9 -1.81 15.14 -34.53
CA PRO D 9 -1.40 16.23 -33.66
C PRO D 9 -2.28 16.48 -32.48
N ASP D 10 -3.57 16.08 -32.51
CA ASP D 10 -4.52 16.27 -31.42
C ASP D 10 -4.82 14.95 -30.70
N GLY D 11 -3.94 13.95 -30.88
CA GLY D 11 -4.09 12.63 -30.27
C GLY D 11 -3.61 12.66 -28.80
N GLU D 12 -3.47 11.49 -28.24
CA GLU D 12 -3.54 11.35 -26.79
C GLU D 12 -2.39 11.99 -26.03
N ASN D 13 -1.19 12.08 -26.64
CA ASN D 13 -0.09 12.68 -25.99
C ASN D 13 -0.25 14.19 -25.90
N SER D 14 -1.25 14.71 -26.58
CA SER D 14 -1.57 16.18 -26.54
C SER D 14 -2.81 16.54 -25.77
N TRP D 15 -3.56 15.57 -25.27
CA TRP D 15 -4.80 15.91 -24.55
C TRP D 15 -4.58 16.78 -23.33
N SER D 16 -3.46 16.63 -22.67
CA SER D 16 -3.19 17.39 -21.41
C SER D 16 -3.00 18.90 -21.71
N LYS D 17 -2.78 19.26 -22.97
CA LYS D 17 -2.61 20.73 -23.31
C LYS D 17 -3.89 21.48 -23.04
N LYS D 18 -5.03 20.83 -23.25
CA LYS D 18 -6.33 21.38 -23.02
C LYS D 18 -7.06 20.80 -21.78
N TYR D 19 -6.71 19.58 -21.38
CA TYR D 19 -7.47 18.93 -20.36
C TYR D 19 -6.46 18.49 -19.32
N PRO D 20 -6.19 19.29 -18.30
CA PRO D 20 -5.07 19.05 -17.37
C PRO D 20 -5.10 17.66 -16.66
N SER D 21 -6.29 17.15 -16.35
CA SER D 21 -6.36 15.86 -15.66
C SER D 21 -5.82 14.77 -16.51
N CYS D 22 -5.73 14.96 -17.84
CA CYS D 22 -5.15 13.92 -18.66
C CYS D 22 -3.66 13.81 -18.43
N GLY D 23 -3.02 14.82 -17.82
CA GLY D 23 -1.59 14.68 -17.45
C GLY D 23 -1.48 14.58 -15.92
N GLY D 24 -2.60 14.32 -15.22
CA GLY D 24 -2.55 14.10 -13.77
C GLY D 24 -2.43 12.66 -13.30
N LEU D 25 -2.73 12.47 -12.03
CA LEU D 25 -2.54 11.18 -11.46
C LEU D 25 -3.76 10.29 -11.76
N LEU D 26 -3.52 9.00 -11.45
CA LEU D 26 -4.55 7.92 -11.41
C LEU D 26 -5.29 7.75 -12.67
N GLN D 27 -4.53 7.75 -13.74
CA GLN D 27 -5.21 7.66 -15.07
C GLN D 27 -5.46 6.21 -15.47
N SER D 28 -6.43 6.05 -16.38
CA SER D 28 -6.82 4.75 -16.93
C SER D 28 -6.67 4.83 -18.48
N PRO D 29 -6.55 3.71 -19.16
CA PRO D 29 -6.56 2.29 -18.66
C PRO D 29 -5.19 1.87 -18.18
N ILE D 30 -5.08 0.62 -17.72
CA ILE D 30 -3.84 0.07 -17.25
C ILE D 30 -3.72 -1.38 -17.69
N ASP D 31 -2.50 -1.92 -17.63
CA ASP D 31 -2.27 -3.34 -17.90
C ASP D 31 -2.41 -4.11 -16.65
N LEU D 32 -3.21 -5.14 -16.74
CA LEU D 32 -3.51 -6.02 -15.58
C LEU D 32 -2.52 -7.21 -15.62
N HIS D 33 -1.51 -7.17 -14.72
CA HIS D 33 -0.50 -8.21 -14.66
C HIS D 33 -0.13 -8.56 -13.22
N SER D 34 0.39 -9.78 -13.06
CA SER D 34 0.44 -10.38 -11.73
C SER D 34 1.09 -9.54 -10.68
N ASP D 35 2.20 -8.85 -10.99
CA ASP D 35 2.94 -8.12 -9.96
C ASP D 35 2.13 -7.05 -9.24
N ILE D 36 1.07 -6.56 -9.88
CA ILE D 36 0.28 -5.49 -9.27
C ILE D 36 -1.06 -5.94 -8.83
N LEU D 37 -1.30 -7.28 -8.87
CA LEU D 37 -2.61 -7.80 -8.44
C LEU D 37 -2.63 -8.12 -6.97
N GLN D 38 -3.71 -7.81 -6.27
CA GLN D 38 -3.80 -8.32 -4.89
C GLN D 38 -5.23 -8.73 -4.54
N TYR D 39 -5.40 -9.96 -4.03
CA TYR D 39 -6.69 -10.42 -3.60
C TYR D 39 -7.27 -9.55 -2.44
N ASP D 40 -8.57 -9.24 -2.53
CA ASP D 40 -9.23 -8.46 -1.49
C ASP D 40 -10.57 -9.13 -1.21
N ALA D 41 -10.67 -9.67 0.02
CA ALA D 41 -11.90 -10.35 0.39
C ALA D 41 -13.09 -9.35 0.56
N SER D 42 -12.83 -8.03 0.54
CA SER D 42 -13.85 -6.92 0.61
C SER D 42 -14.68 -6.89 -0.66
N LEU D 43 -14.12 -7.47 -1.75
CA LEU D 43 -14.74 -7.41 -3.08
C LEU D 43 -15.82 -8.48 -3.29
N THR D 44 -17.04 -8.15 -2.83
CA THR D 44 -18.16 -9.07 -2.86
C THR D 44 -18.90 -8.88 -4.20
N PRO D 45 -19.87 -9.76 -4.54
CA PRO D 45 -20.46 -9.73 -5.88
C PRO D 45 -21.33 -8.48 -6.09
N LEU D 46 -21.23 -7.87 -7.27
CA LEU D 46 -22.11 -6.76 -7.57
C LEU D 46 -23.48 -7.34 -7.96
N GLU D 47 -24.51 -6.52 -7.69
CA GLU D 47 -25.83 -6.87 -8.15
C GLU D 47 -26.27 -5.87 -9.25
N PHE D 48 -26.78 -6.45 -10.29
CA PHE D 48 -27.21 -5.63 -11.48
C PHE D 48 -28.72 -5.43 -11.47
N GLN D 49 -29.19 -4.22 -11.15
CA GLN D 49 -30.66 -4.00 -10.96
C GLN D 49 -31.23 -3.19 -12.15
N GLY D 50 -32.36 -3.64 -12.67
CA GLY D 50 -33.05 -3.00 -13.76
C GLY D 50 -32.27 -2.99 -15.06
N TYR D 51 -31.37 -3.99 -15.20
CA TYR D 51 -30.63 -4.18 -16.49
C TYR D 51 -31.51 -4.73 -17.54
N ASN D 52 -32.67 -5.29 -17.12
CA ASN D 52 -33.52 -5.89 -18.12
C ASN D 52 -34.45 -4.87 -18.72
N LEU D 53 -34.01 -4.26 -19.82
CA LEU D 53 -34.81 -3.18 -20.37
C LEU D 53 -35.96 -3.72 -21.27
N SER D 54 -37.09 -3.06 -21.22
CA SER D 54 -38.24 -3.60 -21.95
C SER D 54 -38.11 -3.43 -23.46
N ALA D 55 -38.43 -4.49 -24.16
CA ALA D 55 -38.55 -4.50 -25.66
C ALA D 55 -39.49 -3.46 -26.28
N ASN D 56 -40.44 -2.98 -25.50
CA ASN D 56 -41.41 -2.02 -25.95
C ASN D 56 -40.96 -0.60 -25.65
N LYS D 57 -39.80 -0.47 -24.99
CA LYS D 57 -39.24 0.84 -24.85
C LYS D 57 -38.06 0.94 -25.79
N GLN D 58 -37.58 2.15 -25.96
CA GLN D 58 -36.43 2.30 -26.88
C GLN D 58 -35.41 3.32 -26.29
N PHE D 59 -34.16 3.21 -26.73
CA PHE D 59 -33.03 3.91 -26.07
C PHE D 59 -32.18 4.50 -27.14
N LEU D 60 -31.76 5.75 -26.91
CA LEU D 60 -31.05 6.50 -27.88
C LEU D 60 -29.59 6.06 -28.08
N LEU D 61 -29.27 5.72 -29.33
CA LEU D 61 -27.88 5.51 -29.80
C LEU D 61 -27.41 6.79 -30.54
N THR D 62 -26.20 7.27 -30.18
CA THR D 62 -25.71 8.55 -30.66
C THR D 62 -24.22 8.33 -31.07
N ASN D 63 -23.85 8.86 -32.23
CA ASN D 63 -22.42 9.00 -32.58
C ASN D 63 -22.07 10.43 -32.18
N ASN D 64 -21.15 10.57 -31.20
CA ASN D 64 -20.78 11.90 -30.72
C ASN D 64 -19.47 12.39 -31.27
N GLY D 65 -19.05 11.70 -32.30
CA GLY D 65 -17.83 12.02 -33.01
C GLY D 65 -16.57 11.51 -32.34
N HIS D 66 -16.67 10.98 -31.11
CA HIS D 66 -15.56 10.27 -30.45
C HIS D 66 -15.87 8.84 -30.18
N SER D 67 -17.17 8.52 -30.04
CA SER D 67 -17.62 7.22 -29.62
C SER D 67 -19.02 6.93 -30.20
N VAL D 68 -19.49 5.66 -30.11
CA VAL D 68 -20.97 5.39 -30.28
C VAL D 68 -21.52 5.05 -28.87
N LYS D 69 -22.54 5.76 -28.40
CA LYS D 69 -23.05 5.55 -27.04
C LYS D 69 -24.54 5.24 -27.06
N LEU D 70 -24.94 4.36 -26.17
CA LEU D 70 -26.35 4.06 -25.98
C LEU D 70 -26.77 4.63 -24.63
N ASN D 71 -27.77 5.55 -24.64
CA ASN D 71 -28.27 6.06 -23.37
C ASN D 71 -28.96 5.01 -22.55
N LEU D 72 -28.79 5.05 -21.23
CA LEU D 72 -29.39 4.03 -20.35
C LEU D 72 -30.21 4.79 -19.29
N PRO D 73 -31.27 4.11 -18.81
CA PRO D 73 -32.20 4.75 -17.82
C PRO D 73 -31.63 4.82 -16.41
N SER D 74 -31.96 5.86 -15.67
CA SER D 74 -31.41 5.97 -14.32
C SER D 74 -31.96 4.94 -13.34
N ASP D 75 -33.03 4.26 -13.71
CA ASP D 75 -33.56 3.24 -12.82
C ASP D 75 -32.64 1.95 -12.89
N MET D 76 -31.73 1.94 -13.86
CA MET D 76 -30.79 0.83 -13.98
C MET D 76 -29.61 1.18 -13.06
N HIS D 77 -29.26 0.29 -12.14
CA HIS D 77 -28.24 0.56 -11.18
C HIS D 77 -27.42 -0.60 -10.76
N ILE D 78 -26.35 -0.28 -10.06
CA ILE D 78 -25.58 -1.33 -9.42
C ILE D 78 -25.59 -1.14 -7.91
N GLN D 79 -25.64 -2.29 -7.26
CA GLN D 79 -25.50 -2.32 -5.79
C GLN D 79 -24.30 -3.11 -5.41
N GLY D 80 -23.63 -2.70 -4.32
CA GLY D 80 -22.49 -3.48 -3.86
C GLY D 80 -21.33 -2.61 -3.56
N LEU D 81 -21.33 -1.41 -4.14
CA LEU D 81 -20.28 -0.45 -3.89
C LEU D 81 -20.56 0.40 -2.63
N GLN D 82 -19.73 1.43 -2.39
CA GLN D 82 -19.93 2.28 -1.19
C GLN D 82 -21.17 3.21 -1.28
N SER D 83 -21.68 3.39 -2.49
CA SER D 83 -22.93 4.15 -2.75
C SER D 83 -23.70 3.48 -3.89
N ARG D 84 -24.97 3.77 -4.14
CA ARG D 84 -25.71 3.37 -5.31
C ARG D 84 -25.22 4.20 -6.52
N TYR D 85 -24.86 3.49 -7.58
CA TYR D 85 -24.47 4.06 -8.84
C TYR D 85 -25.51 3.72 -9.88
N SER D 86 -25.96 4.75 -10.58
CA SER D 86 -27.04 4.57 -11.56
C SER D 86 -26.48 4.69 -12.98
N ALA D 87 -27.03 3.85 -13.85
CA ALA D 87 -26.52 3.84 -15.26
C ALA D 87 -26.78 5.16 -15.95
N THR D 88 -25.91 5.51 -16.89
CA THR D 88 -26.08 6.69 -17.75
C THR D 88 -25.91 6.35 -19.24
N GLN D 89 -24.92 5.50 -19.55
CA GLN D 89 -24.71 5.17 -20.99
C GLN D 89 -23.72 4.02 -21.07
N LEU D 90 -23.77 3.32 -22.19
CA LEU D 90 -22.66 2.38 -22.51
C LEU D 90 -22.07 2.77 -23.87
N HIS D 91 -20.85 2.24 -24.14
CA HIS D 91 -20.15 2.52 -25.40
C HIS D 91 -19.04 1.52 -25.48
N LEU D 92 -18.30 1.58 -26.64
CA LEU D 92 -17.26 0.52 -26.93
C LEU D 92 -15.99 1.26 -27.41
N HIS D 93 -14.92 0.49 -27.42
CA HIS D 93 -13.58 0.95 -27.94
C HIS D 93 -13.09 -0.15 -28.77
N TRP D 94 -12.44 0.18 -29.90
CA TRP D 94 -11.96 -0.92 -30.85
C TRP D 94 -10.78 -0.43 -31.65
N GLY D 95 -10.25 -1.37 -32.45
CA GLY D 95 -9.04 -1.09 -33.26
C GLY D 95 -9.45 -0.77 -34.72
N ASN D 96 -8.97 -1.59 -35.62
CA ASN D 96 -9.25 -1.36 -37.04
C ASN D 96 -9.08 -2.70 -37.80
N PRO D 97 -9.59 -2.77 -39.06
CA PRO D 97 -9.58 -4.04 -39.73
C PRO D 97 -8.20 -4.65 -39.86
N ASN D 98 -7.13 -3.86 -39.94
CA ASN D 98 -5.76 -4.39 -40.00
C ASN D 98 -5.12 -4.69 -38.63
N ASP D 99 -5.79 -4.32 -37.53
CA ASP D 99 -5.24 -4.54 -36.21
C ASP D 99 -6.45 -4.57 -35.23
N PRO D 100 -7.14 -5.69 -35.17
CA PRO D 100 -8.38 -5.80 -34.39
C PRO D 100 -8.01 -6.12 -32.96
N HIS D 101 -7.29 -5.20 -32.35
CA HIS D 101 -6.71 -5.38 -30.95
C HIS D 101 -6.82 -4.04 -30.24
N GLY D 102 -8.06 -3.67 -30.03
CA GLY D 102 -8.33 -2.27 -29.59
C GLY D 102 -8.95 -2.17 -28.18
N SER D 103 -8.84 -3.21 -27.36
CA SER D 103 -9.30 -2.97 -25.98
C SER D 103 -8.48 -1.84 -25.32
N GLU D 104 -9.03 -1.24 -24.28
CA GLU D 104 -8.28 -0.25 -23.48
C GLU D 104 -7.43 -0.91 -22.43
N HIS D 105 -8.07 -1.70 -21.57
CA HIS D 105 -7.33 -2.49 -20.61
C HIS D 105 -6.65 -3.63 -21.33
N THR D 106 -5.44 -3.97 -20.86
CA THR D 106 -4.74 -5.15 -21.39
C THR D 106 -4.51 -6.17 -20.29
N VAL D 107 -4.27 -7.44 -20.67
CA VAL D 107 -4.08 -8.46 -19.62
C VAL D 107 -2.76 -9.12 -19.96
N SER D 108 -1.84 -9.01 -19.00
CA SER D 108 -0.44 -9.51 -19.11
C SER D 108 0.13 -9.02 -20.42
N GLY D 109 -0.05 -7.72 -20.67
CA GLY D 109 0.47 -7.10 -21.90
C GLY D 109 -0.30 -7.31 -23.25
N GLN D 110 -1.43 -8.02 -23.25
CA GLN D 110 -2.10 -8.40 -24.50
C GLN D 110 -3.41 -7.60 -24.56
N HIS D 111 -3.69 -7.02 -25.74
CA HIS D 111 -5.00 -6.34 -25.95
C HIS D 111 -5.99 -7.41 -26.30
N PHE D 112 -7.24 -7.19 -25.94
CA PHE D 112 -8.32 -7.96 -26.52
C PHE D 112 -8.82 -7.20 -27.76
N ALA D 113 -9.79 -7.74 -28.47
CA ALA D 113 -10.16 -7.14 -29.74
C ALA D 113 -10.87 -5.77 -29.53
N ALA D 114 -11.72 -5.77 -28.50
CA ALA D 114 -12.48 -4.52 -28.22
C ALA D 114 -12.88 -4.57 -26.72
N GLU D 115 -13.58 -3.51 -26.29
CA GLU D 115 -13.94 -3.37 -24.89
C GLU D 115 -15.28 -2.61 -24.74
N LEU D 116 -16.19 -3.18 -23.92
CA LEU D 116 -17.49 -2.47 -23.61
C LEU D 116 -17.40 -1.86 -22.28
N HIS D 117 -17.83 -0.56 -22.23
CA HIS D 117 -17.93 0.12 -20.92
C HIS D 117 -19.31 0.53 -20.62
N ILE D 118 -19.80 0.17 -19.43
CA ILE D 118 -21.14 0.62 -18.98
C ILE D 118 -20.90 1.67 -17.91
N VAL D 119 -21.20 2.97 -18.20
CA VAL D 119 -20.89 4.10 -17.29
C VAL D 119 -22.06 4.40 -16.34
N HIS D 120 -21.71 4.48 -15.04
CA HIS D 120 -22.67 4.80 -13.96
C HIS D 120 -22.22 6.01 -13.20
N TYR D 121 -23.15 6.71 -12.55
CA TYR D 121 -22.76 7.84 -11.74
C TYR D 121 -23.33 7.66 -10.32
N ASN D 122 -22.71 8.38 -9.41
CA ASN D 122 -23.05 8.32 -7.99
C ASN D 122 -24.29 9.15 -7.72
N SER D 123 -25.40 8.44 -7.70
CA SER D 123 -26.73 9.13 -7.57
C SER D 123 -27.08 9.36 -6.13
N ASP D 124 -26.31 8.83 -5.22
CA ASP D 124 -26.45 9.20 -3.81
C ASP D 124 -25.93 10.64 -3.55
N LEU D 125 -24.96 11.04 -4.33
CA LEU D 125 -24.24 12.28 -4.08
C LEU D 125 -24.61 13.34 -5.09
N TYR D 126 -24.87 12.94 -6.33
CA TYR D 126 -25.04 13.83 -7.45
C TYR D 126 -26.35 13.69 -8.18
N PRO D 127 -26.85 14.83 -8.73
CA PRO D 127 -28.16 14.85 -9.41
C PRO D 127 -28.20 14.32 -10.83
N ASP D 128 -27.02 14.17 -11.44
CA ASP D 128 -26.93 13.73 -12.79
C ASP D 128 -25.46 13.44 -13.08
N ALA D 129 -25.26 12.72 -14.17
CA ALA D 129 -23.95 12.19 -14.54
C ALA D 129 -22.89 13.24 -14.87
N SER D 130 -23.31 14.24 -15.65
N SER D 130 -23.31 14.26 -15.62
CA SER D 130 -22.44 15.37 -15.95
CA SER D 130 -22.37 15.35 -15.94
C SER D 130 -21.90 16.00 -14.64
C SER D 130 -21.89 16.10 -14.67
N THR D 131 -22.81 16.39 -13.76
CA THR D 131 -22.41 16.95 -12.45
C THR D 131 -21.42 16.05 -11.69
N ALA D 132 -21.67 14.74 -11.75
CA ALA D 132 -20.90 13.73 -11.03
C ALA D 132 -19.52 13.54 -11.62
N SER D 133 -19.39 13.80 -12.91
CA SER D 133 -18.21 13.32 -13.65
C SER D 133 -16.88 13.92 -13.22
N ASN D 134 -16.90 15.16 -12.69
CA ASN D 134 -15.66 15.80 -12.22
C ASN D 134 -15.50 15.91 -10.70
N LYS D 135 -16.30 15.11 -10.03
CA LYS D 135 -16.42 15.22 -8.56
C LYS D 135 -16.05 13.92 -7.90
N SER D 136 -15.71 14.08 -6.61
CA SER D 136 -15.24 12.95 -5.79
C SER D 136 -16.22 11.78 -5.83
N GLU D 137 -15.65 10.58 -6.06
CA GLU D 137 -16.48 9.38 -6.09
C GLU D 137 -17.59 9.42 -7.16
N GLY D 138 -17.43 10.20 -8.21
CA GLY D 138 -18.54 10.48 -9.07
C GLY D 138 -19.01 9.30 -9.96
N LEU D 139 -18.08 8.46 -10.38
CA LEU D 139 -18.46 7.53 -11.50
C LEU D 139 -17.98 6.10 -11.18
N ALA D 140 -18.71 5.11 -11.68
CA ALA D 140 -18.21 3.69 -11.65
C ALA D 140 -18.47 3.18 -13.05
N VAL D 141 -17.43 2.53 -13.66
CA VAL D 141 -17.60 1.96 -15.01
C VAL D 141 -17.39 0.46 -14.90
N LEU D 142 -18.23 -0.27 -15.57
CA LEU D 142 -18.02 -1.71 -15.72
C LEU D 142 -17.42 -1.93 -17.07
N ALA D 143 -16.33 -2.74 -17.10
CA ALA D 143 -15.59 -3.03 -18.36
C ALA D 143 -15.67 -4.53 -18.68
N VAL D 144 -16.09 -4.76 -19.91
CA VAL D 144 -16.14 -6.16 -20.43
C VAL D 144 -15.08 -6.25 -21.54
N LEU D 145 -14.12 -7.18 -21.41
CA LEU D 145 -13.17 -7.35 -22.48
C LEU D 145 -13.80 -8.20 -23.56
N ILE D 146 -13.54 -7.85 -24.81
CA ILE D 146 -14.18 -8.51 -26.00
C ILE D 146 -13.15 -9.21 -26.87
N GLU D 147 -13.23 -10.55 -26.99
N GLU D 147 -13.32 -10.54 -27.01
CA GLU D 147 -12.26 -11.30 -27.80
CA GLU D 147 -12.43 -11.39 -27.80
C GLU D 147 -12.99 -11.76 -29.08
C GLU D 147 -13.08 -11.68 -29.15
N MET D 148 -12.26 -11.81 -30.20
CA MET D 148 -12.76 -12.31 -31.47
C MET D 148 -13.05 -13.79 -31.36
N GLY D 149 -14.32 -14.11 -31.59
CA GLY D 149 -14.79 -15.54 -31.48
C GLY D 149 -16.10 -15.81 -32.18
N SER D 150 -17.07 -16.32 -31.39
CA SER D 150 -18.40 -16.67 -31.95
C SER D 150 -19.27 -15.43 -32.09
N PHE D 151 -20.12 -15.44 -33.12
CA PHE D 151 -21.21 -14.48 -33.24
C PHE D 151 -21.97 -14.30 -31.96
N ASN D 152 -22.28 -13.03 -31.61
CA ASN D 152 -22.94 -12.75 -30.32
C ASN D 152 -24.25 -12.03 -30.63
N PRO D 153 -25.39 -12.74 -30.48
CA PRO D 153 -26.64 -12.16 -30.89
C PRO D 153 -27.02 -10.91 -30.01
N SER D 154 -26.58 -10.91 -28.76
CA SER D 154 -26.97 -9.87 -27.82
C SER D 154 -26.19 -8.62 -28.21
N TYR D 155 -24.87 -8.75 -28.53
CA TYR D 155 -24.14 -7.50 -28.93
C TYR D 155 -24.65 -7.01 -30.30
N ASP D 156 -25.15 -7.93 -31.09
CA ASP D 156 -25.72 -7.52 -32.36
C ASP D 156 -27.01 -6.67 -32.23
N LYS D 157 -27.63 -6.71 -31.05
CA LYS D 157 -28.81 -5.84 -30.86
C LYS D 157 -28.36 -4.35 -30.87
N ILE D 158 -27.09 -4.12 -30.61
CA ILE D 158 -26.55 -2.74 -30.75
C ILE D 158 -25.99 -2.62 -32.14
N PHE D 159 -25.17 -3.61 -32.56
CA PHE D 159 -24.40 -3.40 -33.78
C PHE D 159 -25.26 -3.32 -35.02
N SER D 160 -26.50 -3.84 -35.00
CA SER D 160 -27.35 -3.77 -36.20
C SER D 160 -27.83 -2.39 -36.52
N HIS D 161 -27.60 -1.47 -35.60
CA HIS D 161 -28.00 -0.08 -35.76
C HIS D 161 -26.87 0.82 -36.16
N LEU D 162 -25.66 0.26 -36.30
CA LEU D 162 -24.47 1.12 -36.55
C LEU D 162 -24.61 1.94 -37.84
N GLN D 163 -25.16 1.36 -38.89
N GLN D 163 -25.23 1.28 -38.81
CA GLN D 163 -25.23 2.11 -40.15
CA GLN D 163 -25.44 1.79 -40.14
C GLN D 163 -26.08 3.37 -40.00
C GLN D 163 -26.40 2.96 -40.21
N HIS D 164 -26.99 3.33 -39.05
CA HIS D 164 -27.84 4.52 -38.82
C HIS D 164 -27.27 5.67 -38.02
N VAL D 165 -26.05 5.50 -37.47
CA VAL D 165 -25.39 6.52 -36.76
C VAL D 165 -23.97 6.67 -37.30
N LYS D 166 -23.82 6.59 -38.62
N LYS D 166 -23.82 6.58 -38.62
CA LYS D 166 -22.50 6.56 -39.25
CA LYS D 166 -22.50 6.57 -39.25
C LYS D 166 -21.69 7.84 -39.07
C LYS D 166 -21.69 7.83 -38.93
N TYR D 167 -22.36 8.98 -38.87
CA TYR D 167 -21.69 10.28 -38.75
C TYR D 167 -21.92 11.02 -37.47
N LYS D 168 -20.98 11.91 -37.16
CA LYS D 168 -21.10 12.64 -35.91
C LYS D 168 -22.43 13.36 -35.91
N GLY D 169 -23.14 13.26 -34.77
CA GLY D 169 -24.45 13.81 -34.54
C GLY D 169 -25.66 12.96 -34.91
N GLN D 170 -25.45 11.87 -35.65
CA GLN D 170 -26.58 11.03 -36.01
C GLN D 170 -27.03 10.18 -34.80
N GLU D 171 -28.36 9.92 -34.73
CA GLU D 171 -29.01 9.25 -33.56
C GLU D 171 -29.95 8.17 -34.13
N ALA D 172 -30.10 7.08 -33.41
CA ALA D 172 -30.94 5.96 -33.84
C ALA D 172 -31.52 5.39 -32.55
N PHE D 173 -32.69 4.79 -32.64
CA PHE D 173 -33.29 4.26 -31.39
C PHE D 173 -33.11 2.76 -31.43
N VAL D 174 -32.78 2.21 -30.27
CA VAL D 174 -32.56 0.76 -30.13
C VAL D 174 -33.64 0.28 -29.16
N PRO D 175 -34.37 -0.79 -29.55
CA PRO D 175 -35.37 -1.30 -28.61
C PRO D 175 -34.67 -1.87 -27.38
N GLY D 176 -35.30 -1.76 -26.20
CA GLY D 176 -34.68 -2.40 -25.08
C GLY D 176 -34.44 -3.92 -25.14
N PHE D 177 -33.43 -4.30 -24.38
CA PHE D 177 -33.01 -5.67 -24.21
C PHE D 177 -32.32 -5.86 -22.86
N ASN D 178 -32.01 -7.10 -22.52
CA ASN D 178 -31.47 -7.27 -21.20
C ASN D 178 -29.99 -6.99 -21.33
N ILE D 179 -29.57 -5.89 -20.75
CA ILE D 179 -28.11 -5.49 -20.75
C ILE D 179 -27.16 -6.45 -20.05
N GLU D 180 -27.72 -7.34 -19.21
CA GLU D 180 -26.93 -8.34 -18.56
C GLU D 180 -26.45 -9.37 -19.57
N GLU D 181 -27.10 -9.46 -20.70
CA GLU D 181 -26.63 -10.41 -21.74
C GLU D 181 -25.31 -9.98 -22.34
N LEU D 182 -24.98 -8.70 -22.12
CA LEU D 182 -23.62 -8.24 -22.54
C LEU D 182 -22.45 -8.65 -21.62
N LEU D 183 -22.79 -9.04 -20.41
CA LEU D 183 -21.81 -9.37 -19.39
C LEU D 183 -21.28 -10.79 -19.55
N PRO D 184 -20.04 -11.01 -19.11
CA PRO D 184 -19.42 -12.35 -19.18
C PRO D 184 -19.89 -13.35 -18.10
N GLU D 185 -19.33 -14.57 -18.26
CA GLU D 185 -19.52 -15.61 -17.29
C GLU D 185 -18.91 -15.16 -15.97
N ARG D 186 -19.47 -15.66 -14.87
CA ARG D 186 -18.85 -15.48 -13.55
C ARG D 186 -18.51 -14.00 -13.21
N THR D 187 -19.52 -13.14 -13.30
CA THR D 187 -19.30 -11.73 -12.92
C THR D 187 -18.81 -11.49 -11.50
N ALA D 188 -18.95 -12.42 -10.56
CA ALA D 188 -18.36 -12.23 -9.24
C ALA D 188 -16.79 -12.14 -9.26
N GLU D 189 -16.19 -12.64 -10.36
CA GLU D 189 -14.71 -12.56 -10.51
C GLU D 189 -14.32 -11.30 -11.31
N TYR D 190 -13.59 -10.43 -10.66
CA TYR D 190 -13.29 -9.11 -11.29
C TYR D 190 -12.06 -8.54 -10.75
N TYR D 191 -11.54 -7.53 -11.51
CA TYR D 191 -10.50 -6.62 -11.03
C TYR D 191 -11.14 -5.25 -10.65
N ARG D 192 -10.59 -4.57 -9.61
CA ARG D 192 -11.19 -3.29 -9.16
C ARG D 192 -10.01 -2.37 -8.95
N TYR D 193 -10.08 -1.12 -9.45
CA TYR D 193 -8.99 -0.21 -9.05
C TYR D 193 -9.53 1.23 -9.18
N ARG D 194 -8.79 2.22 -8.64
CA ARG D 194 -9.26 3.64 -8.73
C ARG D 194 -8.58 4.29 -9.91
N GLY D 195 -9.38 4.78 -10.83
CA GLY D 195 -8.82 5.35 -12.02
C GLY D 195 -9.51 6.61 -12.50
N SER D 196 -9.55 6.71 -13.81
CA SER D 196 -10.07 7.93 -14.44
C SER D 196 -10.93 7.61 -15.64
N LEU D 197 -11.51 8.66 -16.15
CA LEU D 197 -12.03 8.57 -17.54
C LEU D 197 -10.89 8.33 -18.47
N THR D 198 -11.14 7.54 -19.54
CA THR D 198 -10.07 7.23 -20.49
C THR D 198 -10.14 8.20 -21.71
N THR D 199 -11.05 9.15 -21.63
CA THR D 199 -11.08 10.26 -22.62
C THR D 199 -11.10 11.58 -21.91
N PRO D 200 -10.74 12.65 -22.64
CA PRO D 200 -10.89 13.96 -22.07
C PRO D 200 -12.27 14.10 -21.45
N PRO D 201 -12.36 14.77 -20.28
CA PRO D 201 -11.33 15.44 -19.54
C PRO D 201 -10.49 14.61 -18.62
N CYS D 202 -10.64 13.26 -18.68
CA CYS D 202 -9.68 12.36 -17.93
C CYS D 202 -9.78 12.52 -16.41
N ASN D 203 -10.96 12.98 -15.97
CA ASN D 203 -11.14 13.14 -14.50
C ASN D 203 -10.85 11.85 -13.74
N PRO D 204 -10.12 11.96 -12.63
CA PRO D 204 -9.68 10.77 -11.82
C PRO D 204 -10.79 10.46 -10.79
N THR D 205 -11.98 10.26 -11.31
CA THR D 205 -13.20 10.09 -10.53
C THR D 205 -13.92 8.73 -10.80
N VAL D 206 -13.24 7.76 -11.40
CA VAL D 206 -13.89 6.55 -11.80
C VAL D 206 -13.39 5.36 -10.97
N LEU D 207 -14.31 4.62 -10.40
CA LEU D 207 -14.06 3.39 -9.70
C LEU D 207 -14.26 2.30 -10.78
N TRP D 208 -13.18 1.65 -11.15
CA TRP D 208 -13.25 0.61 -12.31
C TRP D 208 -13.44 -0.78 -11.85
N THR D 209 -14.29 -1.49 -12.62
CA THR D 209 -14.51 -2.93 -12.37
C THR D 209 -14.29 -3.52 -13.77
N VAL D 210 -13.28 -4.38 -13.91
CA VAL D 210 -13.02 -5.05 -15.17
C VAL D 210 -13.31 -6.56 -14.88
N PHE D 211 -14.30 -7.13 -15.57
CA PHE D 211 -14.61 -8.55 -15.34
C PHE D 211 -13.42 -9.38 -15.77
N ARG D 212 -13.20 -10.41 -15.00
CA ARG D 212 -12.09 -11.39 -15.31
C ARG D 212 -12.26 -12.07 -16.66
N ASN D 213 -13.47 -12.48 -16.99
CA ASN D 213 -13.69 -13.27 -18.19
C ASN D 213 -14.16 -12.38 -19.36
N PRO D 214 -13.62 -12.58 -20.57
CA PRO D 214 -14.13 -11.90 -21.77
C PRO D 214 -15.40 -12.49 -22.29
N VAL D 215 -16.07 -11.71 -23.16
CA VAL D 215 -17.08 -12.23 -24.07
C VAL D 215 -16.47 -12.37 -25.42
N GLN D 216 -17.22 -12.98 -26.33
CA GLN D 216 -16.86 -13.12 -27.75
C GLN D 216 -17.86 -12.43 -28.63
N ILE D 217 -17.36 -11.82 -29.70
CA ILE D 217 -18.17 -11.39 -30.84
C ILE D 217 -17.41 -11.92 -32.06
N SER D 218 -18.08 -12.02 -33.19
CA SER D 218 -17.41 -12.58 -34.36
C SER D 218 -16.51 -11.62 -35.11
N GLN D 219 -15.60 -12.18 -35.91
CA GLN D 219 -14.85 -11.36 -36.90
C GLN D 219 -15.71 -10.40 -37.76
N GLU D 220 -16.87 -10.87 -38.20
CA GLU D 220 -17.71 -10.09 -39.06
C GLU D 220 -18.31 -8.96 -38.23
N GLN D 221 -18.61 -9.25 -36.93
CA GLN D 221 -19.12 -8.20 -36.05
C GLN D 221 -18.09 -7.16 -35.81
N LEU D 222 -16.86 -7.60 -35.57
CA LEU D 222 -15.78 -6.64 -35.31
C LEU D 222 -15.47 -5.80 -36.60
N LEU D 223 -15.55 -6.42 -37.79
CA LEU D 223 -15.22 -5.71 -38.99
C LEU D 223 -16.33 -4.71 -39.24
N ALA D 224 -17.58 -5.07 -38.92
CA ALA D 224 -18.64 -4.02 -39.07
C ALA D 224 -18.46 -2.84 -38.14
N LEU D 225 -18.08 -3.13 -36.90
CA LEU D 225 -17.81 -2.09 -35.91
C LEU D 225 -16.69 -1.18 -36.36
N GLU D 226 -15.65 -1.81 -36.89
CA GLU D 226 -14.47 -1.06 -37.30
C GLU D 226 -14.58 -0.31 -38.59
N THR D 227 -15.65 -0.51 -39.35
CA THR D 227 -15.82 0.11 -40.68
C THR D 227 -17.07 0.96 -40.75
N ALA D 228 -17.94 0.93 -39.75
CA ALA D 228 -19.23 1.57 -39.87
C ALA D 228 -19.15 3.08 -39.65
N LEU D 229 -18.24 3.53 -38.80
CA LEU D 229 -18.46 4.84 -38.19
C LEU D 229 -17.42 5.81 -38.56
N TYR D 230 -17.85 7.08 -38.63
CA TYR D 230 -16.91 8.21 -38.83
C TYR D 230 -16.95 9.13 -37.62
N CYS D 231 -15.81 9.81 -37.37
CA CYS D 231 -15.72 10.75 -36.27
C CYS D 231 -16.30 12.15 -36.67
N THR D 232 -16.44 12.30 -37.98
CA THR D 232 -16.80 13.62 -38.60
C THR D 232 -18.27 13.73 -39.06
N HIS D 233 -18.74 14.98 -39.24
CA HIS D 233 -20.08 15.25 -39.68
C HIS D 233 -20.11 14.88 -41.10
N MET D 234 -21.30 14.49 -41.54
CA MET D 234 -21.54 14.01 -42.90
C MET D 234 -20.99 14.98 -43.95
N ASP D 235 -21.04 16.30 -43.66
CA ASP D 235 -20.56 17.26 -44.64
C ASP D 235 -19.10 17.70 -44.54
N ASP D 236 -18.30 17.06 -43.69
CA ASP D 236 -16.92 17.44 -43.50
C ASP D 236 -16.08 17.09 -44.76
N PRO D 237 -15.36 18.06 -45.30
CA PRO D 237 -14.45 17.82 -46.42
C PRO D 237 -13.22 16.95 -46.07
N SER D 238 -13.00 16.71 -44.76
CA SER D 238 -11.88 15.95 -44.26
C SER D 238 -12.39 14.82 -43.38
N PRO D 239 -13.03 13.83 -43.99
CA PRO D 239 -13.59 12.74 -43.16
C PRO D 239 -12.55 11.94 -42.46
N ARG D 240 -12.89 11.48 -41.23
CA ARG D 240 -11.98 10.68 -40.40
C ARG D 240 -12.78 9.45 -39.88
N GLU D 241 -12.29 8.25 -40.21
CA GLU D 241 -12.88 7.04 -39.64
C GLU D 241 -12.77 6.94 -38.14
N MET D 242 -13.87 6.45 -37.51
CA MET D 242 -13.79 6.17 -36.08
C MET D 242 -13.15 4.79 -35.85
N ILE D 243 -11.82 4.79 -35.69
CA ILE D 243 -11.01 3.57 -35.56
C ILE D 243 -9.95 3.83 -34.48
N ASN D 244 -9.43 2.72 -33.94
CA ASN D 244 -8.37 2.82 -32.91
C ASN D 244 -8.68 3.87 -31.84
N ASN D 245 -9.95 3.86 -31.41
CA ASN D 245 -10.44 4.74 -30.37
C ASN D 245 -10.23 4.20 -28.94
N PHE D 246 -8.99 3.83 -28.64
CA PHE D 246 -8.58 3.39 -27.31
C PHE D 246 -7.34 4.18 -26.92
N ARG D 247 -7.28 4.44 -25.63
CA ARG D 247 -6.08 5.06 -25.05
C ARG D 247 -5.01 4.04 -24.67
N GLN D 248 -3.71 4.37 -24.86
CA GLN D 248 -2.64 3.53 -24.37
C GLN D 248 -2.72 3.37 -22.85
N VAL D 249 -2.28 2.21 -22.38
CA VAL D 249 -2.19 2.03 -20.92
C VAL D 249 -1.27 3.09 -20.25
N GLN D 250 -1.55 3.29 -18.97
CA GLN D 250 -0.94 4.37 -18.14
C GLN D 250 -0.02 3.86 -17.01
N LYS D 251 0.88 4.72 -16.56
CA LYS D 251 1.64 4.38 -15.36
C LYS D 251 0.72 4.07 -14.20
N PHE D 252 1.16 3.11 -13.40
CA PHE D 252 0.43 2.78 -12.17
C PHE D 252 0.42 3.83 -11.06
N ASP D 253 1.40 4.72 -10.97
CA ASP D 253 1.34 5.72 -9.88
C ASP D 253 1.17 5.05 -8.51
N GLU D 254 1.87 3.92 -8.29
CA GLU D 254 1.86 3.23 -6.97
C GLU D 254 0.51 2.48 -6.63
N ARG D 255 -0.49 2.56 -7.51
CA ARG D 255 -1.70 1.78 -7.36
C ARG D 255 -1.47 0.25 -7.41
N LEU D 256 -2.26 -0.48 -6.62
CA LEU D 256 -2.49 -1.89 -6.90
C LEU D 256 -3.88 -2.08 -7.54
N VAL D 257 -4.07 -3.26 -8.14
CA VAL D 257 -5.40 -3.63 -8.69
C VAL D 257 -5.85 -4.75 -7.79
N TYR D 258 -6.98 -4.57 -7.17
CA TYR D 258 -7.54 -5.59 -6.23
C TYR D 258 -8.40 -6.58 -6.96
N THR D 259 -8.33 -7.85 -6.60
CA THR D 259 -9.13 -8.82 -7.32
C THR D 259 -10.09 -9.56 -6.36
N SER D 260 -11.18 -10.07 -6.90
CA SER D 260 -12.14 -10.87 -6.09
C SER D 260 -11.83 -12.37 -6.19
N PHE D 261 -10.69 -12.70 -6.78
CA PHE D 261 -10.37 -14.12 -7.05
C PHE D 261 -8.89 -14.28 -6.73
N SER D 262 -8.45 -15.49 -6.42
CA SER D 262 -7.02 -15.77 -6.36
C SER D 262 -6.47 -16.48 -7.59
N GLN D 263 -7.27 -17.37 -8.18
CA GLN D 263 -6.91 -18.05 -9.43
C GLN D 263 -8.10 -18.80 -10.07
ZN ZN E . 14.51 0.71 22.10
C1 EDO F . 23.72 -8.17 37.63
O1 EDO F . 23.54 -9.33 36.78
C2 EDO F . 24.97 -8.30 38.50
O2 EDO F . 26.17 -8.38 37.68
O19 5EF G . 14.25 8.98 23.11
C17 5EF G . 15.46 8.50 25.04
C6 5EF G . 14.72 4.27 22.64
F11 5EF G . 13.96 3.30 23.24
C5 5EF G . 14.96 4.29 21.27
F12 5EF G . 15.02 5.13 24.85
F13 5EF G . 16.07 5.33 19.54
O16 5EF G . 17.74 8.37 23.57
S14 5EF G . 16.64 7.45 24.18
O15 5EF G . 17.44 6.68 25.24
C18 5EF G . 15.01 9.60 24.10
C8 5EF G . 16.04 6.22 23.02
C7 5EF G . 15.23 5.20 23.53
C9 5EF G . 16.32 6.29 21.66
C10 5EF G . 15.79 5.34 20.82
S1 5EF G . 14.35 3.04 20.16
O3 5EF G . 15.48 2.33 19.48
N4 5EF G . 13.42 1.93 20.95
O2 5EF G . 13.49 3.71 19.09
N20 5EF G . 17.09 7.36 21.05
C21 5EF G . 16.64 8.03 19.81
C25 5EF G . 15.78 9.28 20.14
C24 5EF G . 16.08 10.31 19.02
C23 5EF G . 17.50 9.98 18.82
C29 5EF G . 18.51 10.81 18.26
C28 5EF G . 19.86 10.37 18.16
C27 5EF G . 20.18 9.05 18.64
C26 5EF G . 19.15 8.25 19.17
C22 5EF G . 17.82 8.71 19.23
ZN ZN H . -17.44 -1.35 23.12
C1 EDO I . -20.44 -10.05 42.35
O1 EDO I . -19.40 -9.05 42.20
C2 EDO I . -21.03 -10.48 41.02
O2 EDO I . -20.28 -9.95 39.88
O19 5EF J . -19.79 8.44 20.46
C17 5EF J . -19.22 6.25 20.62
C6 5EF J . -18.10 2.24 22.77
F11 5EF J . -17.34 1.39 21.99
C5 5EF J . -18.34 2.10 24.08
F12 5EF J . -18.58 3.15 20.63
F13 5EF J . -19.47 2.90 25.99
O16 5EF J . -21.46 6.18 22.26
S14 5EF J . -20.47 5.27 21.47
O15 5EF J . -21.38 4.49 20.52
C18 5EF J . -19.02 7.58 21.28
C8 5EF J . -19.73 4.00 22.55
C7 5EF J . -18.80 3.13 21.97
C9 5EF J . -19.93 3.93 23.91
C10 5EF J . -19.27 2.98 24.67
S1 5EF J . -17.52 0.94 25.16
O3 5EF J . -18.53 0.05 25.82
N4 5EF J . -16.62 -0.10 24.16
O2 5EF J . -16.68 1.72 26.12
N20 5EF J . -20.82 4.87 24.55
C21 5EF J . -20.23 5.69 25.64
C25 5EF J . -20.01 7.17 25.24
C24 5EF J . -20.24 7.95 26.56
C23 5EF J . -21.32 7.10 27.16
C29 5EF J . -22.25 7.51 28.15
C28 5EF J . -23.21 6.60 28.60
C27 5EF J . -23.21 5.27 28.07
C26 5EF J . -22.27 4.90 27.08
C22 5EF J . -21.32 5.83 26.66
ZN ZN K . 16.88 5.75 -23.27
O19 5EF L . 17.14 15.45 -22.14
C17 5EF L . 17.68 13.52 -20.73
C6 5EF L . 17.11 9.30 -22.87
F11 5EF L . 16.22 8.43 -22.27
C5 5EF L . 17.43 9.26 -24.23
F12 5EF L . 17.32 10.31 -20.72
F13 5EF L . 18.67 10.12 -26.00
O16 5EF L . 20.01 13.43 -21.93
S14 5EF L . 19.01 12.40 -21.29
O15 5EF L . 19.81 11.48 -20.31
C18 5EF L . 16.94 14.05 -21.98
C8 5EF L . 18.54 11.20 -22.56
C7 5EF L . 17.63 10.28 -22.06
C9 5EF L . 18.92 11.17 -23.92
C10 5EF L . 18.32 10.20 -24.73
S1 5EF L . 16.80 7.98 -25.35
O3 5EF L . 17.95 7.23 -25.92
N4 5EF L . 15.90 6.77 -24.51
O2 5EF L . 15.84 8.56 -26.37
N20 5EF L . 19.79 12.13 -24.53
C21 5EF L . 19.35 12.89 -25.73
C25 5EF L . 18.38 14.02 -25.39
C24 5EF L . 18.68 15.15 -26.41
C23 5EF L . 20.14 14.93 -26.51
C29 5EF L . 21.10 15.85 -26.94
C28 5EF L . 22.46 15.46 -26.95
C27 5EF L . 22.89 14.16 -26.53
C26 5EF L . 21.89 13.24 -26.10
C22 5EF L . 20.54 13.65 -26.13
ZN ZN M . -14.84 3.84 -22.42
C1 EDO N . -17.92 -4.97 -3.31
O1 EDO N . -16.95 -3.92 -3.17
C2 EDO N . -18.64 -4.81 -4.64
O2 EDO N . -17.54 -4.66 -5.54
O19 5EF O . -17.56 13.50 -25.45
C17 5EF O . -16.65 11.58 -24.33
C6 5EF O . -15.54 7.38 -22.73
F11 5EF O . -14.61 6.65 -23.44
C5 5EF O . -15.74 7.22 -21.36
F12 5EF O . -15.99 8.47 -24.77
F13 5EF O . -17.00 7.76 -19.45
O16 5EF O . -19.12 10.97 -23.25
S14 5EF O . -17.90 10.27 -24.01
O15 5EF O . -18.49 9.68 -25.26
C18 5EF O . -16.82 12.30 -25.65
C8 5EF O . -17.22 9.06 -22.86
C7 5EF O . -16.23 8.29 -23.47
C9 5EF O . -17.49 8.91 -21.49
C10 5EF O . -16.77 8.01 -20.76
S1 5EF O . -14.87 6.02 -20.31
O3 5EF O . -15.91 5.21 -19.62
N4 5EF O . -13.86 5.09 -21.22
O2 5EF O . -14.00 6.85 -19.40
N20 5EF O . -18.51 9.68 -20.83
C21 5EF O . -18.32 10.18 -19.47
C25 5EF O . -17.39 11.39 -19.70
C24 5EF O . -17.97 12.67 -18.99
C23 5EF O . -19.37 12.23 -18.83
C29 5EF O . -20.45 13.05 -18.48
C28 5EF O . -21.73 12.50 -18.38
C27 5EF O . -21.92 11.12 -18.63
C26 5EF O . -20.84 10.34 -18.99
C22 5EF O . -19.57 10.89 -19.08
#